data_6JDK
#
_entry.id   6JDK
#
_cell.length_a   90.831
_cell.length_b   55.049
_cell.length_c   118.099
_cell.angle_alpha   90.00
_cell.angle_beta   95.25
_cell.angle_gamma   90.00
#
_symmetry.space_group_name_H-M   'P 1 21 1'
#
loop_
_entity.id
_entity.type
_entity.pdbx_description
1 polymer 'Baeyer-Villiger monooxygenase'
2 non-polymer 'FLAVIN-ADENINE DINUCLEOTIDE'
3 non-polymer 'MAGNESIUM ION'
4 water water
#
_entity_poly.entity_id   1
_entity_poly.type   'polypeptide(L)'
_entity_poly.pdbx_seq_one_letter_code
;MSSVQSSQTQKNDDAEVFDALIVGAGFNGIYQLHRLRQEGFKVRLFEAGADMGGIWYWNCYPGARVDSHIPIYEFSIEEL
WRDWNWTERFPAWDELRRYFHYVDKKLDLSRDIRFGMRVSAAEFDEARDQWVIRTTDGTVVRARFFILCTGFASKPYIPN
YKGLESFAGESFHTGLWPQEGASFTGKRVGVVGTGASGVQVVQEASKDAAHLTVFQRTPILALPMQQRKLDVETQQRMKA
DYPEIFRIRRETFGGFDILRDERSALEVPPEERCALYEKLWQKGGFHYWIGGFSDILTNEEANRTMYDFWRDKTRARIKN
PALADKLAPMEPPHPFGVKRPSLEQWYYEAFNQDNVSLVDVREMPIVEIVPEGVLTSDGLVELDMLVLATGFDAVTGGLT
QIDIHGTGGITLKEKWTEGARTYLGFATSGFPNMLFLYGPQSPSGFCNGPTCAEMQGEWVVDCLKHMRENNKGRIEATAQ
AEEEWAQLLNSIAGMTLFPRADSWYMGANIPGKPRQLLNFPGVPIYMDQCNTAAAKDYEGFVLD
;
_entity_poly.pdbx_strand_id   A,B
#
# COMPACT_ATOMS: atom_id res chain seq x y z
N GLU A 16 -15.97 10.61 -19.41
CA GLU A 16 -15.28 9.72 -20.34
C GLU A 16 -14.96 8.38 -19.67
N VAL A 17 -15.92 7.46 -19.63
CA VAL A 17 -15.74 6.18 -18.95
C VAL A 17 -15.70 5.05 -19.98
N PHE A 18 -14.75 4.13 -19.79
CA PHE A 18 -14.55 2.98 -20.67
C PHE A 18 -14.32 1.75 -19.81
N ASP A 19 -14.59 0.57 -20.39
CA ASP A 19 -14.27 -0.67 -19.69
C ASP A 19 -12.74 -0.84 -19.52
N ALA A 20 -11.96 -0.52 -20.55
CA ALA A 20 -10.51 -0.65 -20.48
C ALA A 20 -9.87 0.39 -21.37
N LEU A 21 -8.83 1.04 -20.84
CA LEU A 21 -7.95 1.91 -21.61
C LEU A 21 -6.61 1.21 -21.81
N ILE A 22 -6.25 1.00 -23.06
CA ILE A 22 -5.03 0.33 -23.47
C ILE A 22 -4.02 1.40 -23.83
N VAL A 23 -2.80 1.29 -23.29
CA VAL A 23 -1.73 2.20 -23.63
C VAL A 23 -0.69 1.39 -24.40
N GLY A 24 -0.46 1.75 -25.66
CA GLY A 24 0.51 1.02 -26.47
C GLY A 24 -0.12 0.39 -27.71
N ALA A 25 0.47 0.68 -28.86
CA ALA A 25 -0.04 0.21 -30.14
C ALA A 25 1.01 -0.62 -30.87
N GLY A 26 1.74 -1.43 -30.11
CA GLY A 26 2.51 -2.54 -30.65
C GLY A 26 1.67 -3.81 -30.75
N PHE A 27 2.35 -4.96 -30.90
CA PHE A 27 1.61 -6.21 -31.06
C PHE A 27 0.64 -6.41 -29.91
N ASN A 28 1.11 -6.19 -28.68
CA ASN A 28 0.27 -6.46 -27.52
C ASN A 28 -0.96 -5.57 -27.51
N GLY A 29 -0.78 -4.27 -27.70
CA GLY A 29 -1.91 -3.36 -27.60
C GLY A 29 -2.87 -3.52 -28.77
N ILE A 30 -2.34 -3.68 -29.98
CA ILE A 30 -3.16 -3.95 -31.16
C ILE A 30 -3.99 -5.20 -30.91
N TYR A 31 -3.37 -6.25 -30.36
CA TYR A 31 -4.10 -7.48 -30.06
C TYR A 31 -5.16 -7.23 -29.00
N GLN A 32 -4.81 -6.44 -27.97
CA GLN A 32 -5.75 -6.17 -26.89
C GLN A 32 -6.98 -5.41 -27.39
N LEU A 33 -6.77 -4.41 -28.25
CA LEU A 33 -7.85 -3.62 -28.83
C LEU A 33 -8.79 -4.49 -29.65
N HIS A 34 -8.24 -5.29 -30.55
CA HIS A 34 -9.04 -6.16 -31.41
C HIS A 34 -9.89 -7.14 -30.59
N ARG A 35 -9.27 -7.88 -29.67
CA ARG A 35 -10.00 -8.93 -28.98
C ARG A 35 -11.03 -8.37 -28.00
N LEU A 36 -10.66 -7.35 -27.21
CA LEU A 36 -11.63 -6.78 -26.27
C LEU A 36 -12.84 -6.19 -26.99
N ARG A 37 -12.62 -5.48 -28.09
CA ARG A 37 -13.73 -5.03 -28.91
C ARG A 37 -14.60 -6.18 -29.34
N GLN A 38 -13.98 -7.29 -29.77
CA GLN A 38 -14.75 -8.46 -30.21
C GLN A 38 -15.57 -9.04 -29.08
N GLU A 39 -15.13 -8.85 -27.85
CA GLU A 39 -15.78 -9.39 -26.66
C GLU A 39 -16.77 -8.41 -26.07
N GLY A 40 -17.06 -7.31 -26.77
CA GLY A 40 -18.09 -6.40 -26.32
C GLY A 40 -17.68 -5.41 -25.26
N PHE A 41 -16.38 -5.17 -25.08
CA PHE A 41 -15.93 -4.17 -24.14
C PHE A 41 -15.80 -2.83 -24.85
N LYS A 42 -16.26 -1.78 -24.19
CA LYS A 42 -16.00 -0.40 -24.62
C LYS A 42 -14.55 -0.08 -24.31
N VAL A 43 -13.75 0.13 -25.35
CA VAL A 43 -12.30 0.16 -25.27
C VAL A 43 -11.74 1.33 -26.06
N ARG A 44 -10.65 1.92 -25.55
CA ARG A 44 -9.89 2.95 -26.24
C ARG A 44 -8.39 2.66 -26.10
N LEU A 45 -7.62 2.97 -27.14
CA LEU A 45 -6.17 2.81 -27.15
C LEU A 45 -5.51 4.19 -27.32
N PHE A 46 -4.60 4.51 -26.39
CA PHE A 46 -3.78 5.71 -26.41
C PHE A 46 -2.34 5.34 -26.75
N GLU A 47 -1.82 5.83 -27.88
CA GLU A 47 -0.45 5.56 -28.34
C GLU A 47 0.34 6.87 -28.41
N ALA A 48 1.54 6.87 -27.83
CA ALA A 48 2.30 8.12 -27.69
C ALA A 48 2.78 8.64 -29.05
N GLY A 49 3.28 7.77 -29.91
CA GLY A 49 3.70 8.16 -31.24
C GLY A 49 2.55 8.55 -32.17
N ALA A 50 2.94 8.86 -33.42
CA ALA A 50 1.98 9.28 -34.43
C ALA A 50 1.35 8.12 -35.19
N ASP A 51 1.94 6.93 -35.17
CA ASP A 51 1.41 5.77 -35.87
C ASP A 51 1.66 4.51 -35.05
N MET A 52 0.92 3.45 -35.40
CA MET A 52 1.09 2.10 -34.88
C MET A 52 2.47 1.54 -35.20
N GLY A 53 2.73 0.32 -34.73
CA GLY A 53 3.96 -0.39 -34.98
C GLY A 53 4.78 -0.65 -33.74
N GLY A 54 4.58 0.13 -32.69
CA GLY A 54 5.36 -0.06 -31.48
C GLY A 54 6.81 0.28 -31.72
N ILE A 55 7.71 -0.67 -31.44
CA ILE A 55 9.14 -0.42 -31.65
C ILE A 55 9.42 -0.03 -33.09
N TRP A 56 8.61 -0.53 -34.04
CA TRP A 56 8.84 -0.25 -35.45
C TRP A 56 8.39 1.16 -35.85
N TYR A 57 7.53 1.81 -35.07
CA TYR A 57 7.39 3.25 -35.23
C TYR A 57 8.71 3.96 -34.87
N TRP A 58 9.23 3.70 -33.66
CA TRP A 58 10.34 4.50 -33.11
C TRP A 58 11.69 4.12 -33.68
N ASN A 59 11.91 2.85 -34.04
CA ASN A 59 13.24 2.41 -34.45
C ASN A 59 13.29 2.37 -35.98
N CYS A 60 13.55 3.54 -36.56
CA CYS A 60 13.80 3.66 -37.99
C CYS A 60 15.29 3.87 -38.31
N TYR A 61 16.21 3.43 -37.46
CA TYR A 61 17.63 3.61 -37.76
C TYR A 61 18.02 2.63 -38.88
N PRO A 62 19.11 2.90 -39.58
CA PRO A 62 19.48 2.04 -40.72
C PRO A 62 19.81 0.63 -40.27
N GLY A 63 19.17 -0.34 -40.91
CA GLY A 63 19.41 -1.72 -40.58
C GLY A 63 18.47 -2.32 -39.58
N ALA A 64 17.52 -1.54 -39.04
CA ALA A 64 16.62 -2.06 -38.01
C ALA A 64 15.76 -3.20 -38.56
N ARG A 65 15.96 -4.38 -37.99
CA ARG A 65 15.44 -5.62 -38.52
C ARG A 65 15.00 -6.51 -37.38
N VAL A 66 14.05 -7.42 -37.68
CA VAL A 66 13.61 -8.38 -36.68
C VAL A 66 14.73 -9.39 -36.40
N ASP A 67 14.65 -10.03 -35.24
CA ASP A 67 15.39 -11.25 -34.97
C ASP A 67 14.51 -12.49 -35.02
N SER A 68 13.21 -12.31 -35.27
CA SER A 68 12.23 -13.38 -35.37
C SER A 68 11.86 -13.63 -36.84
N HIS A 69 12.17 -14.81 -37.34
CA HIS A 69 11.96 -15.12 -38.75
C HIS A 69 10.48 -15.19 -39.10
N ILE A 70 10.20 -15.33 -40.40
CA ILE A 70 8.88 -15.22 -41.01
C ILE A 70 8.14 -16.53 -40.72
N PRO A 71 6.92 -16.76 -41.20
CA PRO A 71 5.77 -17.03 -40.32
C PRO A 71 5.74 -16.53 -38.88
N ILE A 72 6.89 -16.46 -38.19
CA ILE A 72 6.83 -16.48 -36.72
C ILE A 72 6.49 -15.11 -36.14
N TYR A 73 6.96 -14.05 -36.78
CA TYR A 73 6.85 -12.70 -36.22
C TYR A 73 5.68 -11.94 -36.87
N GLU A 74 4.48 -12.47 -36.61
CA GLU A 74 3.21 -11.88 -37.06
C GLU A 74 2.09 -12.57 -36.31
N PHE A 75 0.86 -12.13 -36.59
CA PHE A 75 -0.32 -12.66 -35.94
C PHE A 75 -0.72 -13.98 -36.60
N SER A 76 -1.34 -14.86 -35.82
CA SER A 76 -1.85 -16.11 -36.33
C SER A 76 -3.30 -16.02 -36.77
N ILE A 77 -3.87 -14.81 -36.80
CA ILE A 77 -5.18 -14.63 -37.38
C ILE A 77 -5.11 -15.02 -38.85
N GLU A 78 -5.98 -15.96 -39.24
CA GLU A 78 -5.97 -16.49 -40.60
C GLU A 78 -6.23 -15.39 -41.64
N GLU A 79 -7.16 -14.48 -41.38
CA GLU A 79 -7.39 -13.44 -42.38
C GLU A 79 -6.23 -12.47 -42.49
N LEU A 80 -5.23 -12.56 -41.61
CA LEU A 80 -4.07 -11.71 -41.75
C LEU A 80 -3.00 -12.35 -42.61
N TRP A 81 -2.58 -13.57 -42.28
CA TRP A 81 -1.48 -14.15 -43.04
C TRP A 81 -1.92 -14.79 -44.34
N ARG A 82 -3.23 -14.97 -44.55
CA ARG A 82 -3.71 -15.43 -45.86
C ARG A 82 -3.24 -14.51 -46.97
N ASP A 83 -3.41 -13.21 -46.79
CA ASP A 83 -3.25 -12.24 -47.86
C ASP A 83 -2.04 -11.33 -47.66
N TRP A 84 -1.04 -11.76 -46.91
CA TRP A 84 0.17 -10.99 -46.67
C TRP A 84 1.40 -11.85 -47.02
N ASN A 85 2.36 -11.25 -47.71
CA ASN A 85 3.62 -11.90 -48.00
C ASN A 85 4.76 -10.96 -47.65
N TRP A 86 5.87 -11.53 -47.22
CA TRP A 86 7.04 -10.74 -46.84
C TRP A 86 8.06 -10.74 -47.96
N THR A 87 8.87 -9.67 -48.03
CA THR A 87 9.94 -9.63 -49.01
C THR A 87 11.15 -10.46 -48.60
N GLU A 88 11.30 -10.78 -47.31
CA GLU A 88 12.51 -11.47 -46.88
C GLU A 88 12.26 -12.15 -45.55
N ARG A 89 13.15 -13.09 -45.23
CA ARG A 89 12.99 -13.91 -44.04
C ARG A 89 12.98 -13.06 -42.77
N PHE A 90 13.85 -12.06 -42.70
CA PHE A 90 13.91 -11.12 -41.58
C PHE A 90 13.61 -9.70 -42.07
N PRO A 91 12.38 -9.21 -41.98
CA PRO A 91 12.04 -7.93 -42.60
C PRO A 91 12.53 -6.73 -41.78
N ALA A 92 12.70 -5.62 -42.48
CA ALA A 92 13.24 -4.42 -41.85
C ALA A 92 12.09 -3.57 -41.28
N TRP A 93 12.45 -2.50 -40.55
CA TRP A 93 11.43 -1.74 -39.82
C TRP A 93 10.35 -1.23 -40.76
N ASP A 94 10.75 -0.79 -41.95
CA ASP A 94 9.80 -0.13 -42.84
C ASP A 94 8.79 -1.14 -43.39
N GLU A 95 9.22 -2.40 -43.58
CA GLU A 95 8.28 -3.41 -44.06
C GLU A 95 7.29 -3.77 -42.98
N LEU A 96 7.74 -3.79 -41.72
CA LEU A 96 6.82 -4.12 -40.64
C LEU A 96 5.80 -3.00 -40.42
N ARG A 97 6.21 -1.75 -40.60
CA ARG A 97 5.22 -0.68 -40.59
C ARG A 97 4.15 -0.93 -41.65
N ARG A 98 4.54 -1.42 -42.83
CA ARG A 98 3.55 -1.79 -43.85
C ARG A 98 2.66 -2.91 -43.35
N TYR A 99 3.20 -3.82 -42.53
CA TYR A 99 2.38 -4.92 -42.02
C TYR A 99 1.36 -4.43 -41.00
N PHE A 100 1.75 -3.52 -40.11
CA PHE A 100 0.79 -2.92 -39.19
C PHE A 100 -0.27 -2.07 -39.89
N HIS A 101 0.09 -1.38 -40.99
CA HIS A 101 -0.95 -0.66 -41.72
C HIS A 101 -1.96 -1.63 -42.33
N TYR A 102 -1.47 -2.72 -42.92
CA TYR A 102 -2.37 -3.76 -43.45
C TYR A 102 -3.23 -4.38 -42.34
N VAL A 103 -2.63 -4.69 -41.19
CA VAL A 103 -3.41 -5.17 -40.05
C VAL A 103 -4.49 -4.16 -39.68
N ASP A 104 -4.18 -2.87 -39.79
CA ASP A 104 -5.12 -1.84 -39.37
C ASP A 104 -6.33 -1.79 -40.30
N LYS A 105 -6.09 -1.79 -41.62
CA LYS A 105 -7.17 -1.83 -42.60
C LYS A 105 -8.05 -3.08 -42.41
N LYS A 106 -7.44 -4.22 -42.11
CA LYS A 106 -8.20 -5.44 -42.03
C LYS A 106 -9.02 -5.55 -40.76
N LEU A 107 -8.53 -5.02 -39.65
CA LEU A 107 -9.20 -5.14 -38.37
C LEU A 107 -9.82 -3.84 -37.88
N ASP A 108 -9.70 -2.74 -38.65
CA ASP A 108 -10.41 -1.50 -38.35
C ASP A 108 -10.06 -0.99 -36.94
N LEU A 109 -8.76 -0.83 -36.70
CA LEU A 109 -8.32 -0.56 -35.34
C LEU A 109 -8.33 0.93 -35.05
N SER A 110 -7.80 1.72 -35.98
CA SER A 110 -7.39 3.09 -35.71
C SER A 110 -8.54 4.00 -35.26
N ARG A 111 -9.79 3.66 -35.57
CA ARG A 111 -10.91 4.44 -35.07
C ARG A 111 -10.95 4.49 -33.55
N ASP A 112 -10.46 3.45 -32.89
CA ASP A 112 -10.46 3.43 -31.44
C ASP A 112 -9.06 3.66 -30.88
N ILE A 113 -8.11 4.08 -31.73
CA ILE A 113 -6.80 4.55 -31.29
C ILE A 113 -6.76 6.07 -31.34
N ARG A 114 -6.11 6.66 -30.36
CA ARG A 114 -5.86 8.09 -30.34
C ARG A 114 -4.35 8.30 -30.23
N PHE A 115 -3.76 8.78 -31.30
CA PHE A 115 -2.31 8.92 -31.42
C PHE A 115 -1.82 10.23 -30.81
N GLY A 116 -0.54 10.25 -30.48
CA GLY A 116 0.02 11.39 -29.80
C GLY A 116 -0.41 11.56 -28.36
N MET A 117 -1.09 10.58 -27.78
CA MET A 117 -1.46 10.62 -26.35
C MET A 117 -0.43 9.82 -25.60
N ARG A 118 0.45 10.52 -24.89
CA ARG A 118 1.34 9.92 -23.91
C ARG A 118 0.64 9.96 -22.56
N VAL A 119 0.28 8.78 -22.05
CA VAL A 119 -0.22 8.64 -20.69
C VAL A 119 0.89 8.96 -19.72
N SER A 120 0.63 9.88 -18.79
CA SER A 120 1.64 10.42 -17.88
C SER A 120 1.35 10.18 -16.41
N ALA A 121 0.09 10.11 -16.01
CA ALA A 121 -0.21 9.78 -14.63
C ALA A 121 -1.57 9.11 -14.57
N ALA A 122 -1.79 8.40 -13.46
CA ALA A 122 -3.03 7.65 -13.27
C ALA A 122 -3.26 7.50 -11.78
N GLU A 123 -4.53 7.33 -11.41
CA GLU A 123 -4.88 7.25 -10.01
C GLU A 123 -6.16 6.40 -9.90
N PHE A 124 -6.22 5.54 -8.88
CA PHE A 124 -7.36 4.65 -8.75
C PHE A 124 -8.43 5.28 -7.88
N ASP A 125 -9.68 5.14 -8.32
CA ASP A 125 -10.84 5.68 -7.63
C ASP A 125 -11.59 4.50 -7.02
N GLU A 126 -11.30 4.21 -5.74
CA GLU A 126 -11.88 3.04 -5.09
C GLU A 126 -13.40 3.14 -4.99
N ALA A 127 -13.93 4.35 -4.74
CA ALA A 127 -15.38 4.52 -4.68
C ALA A 127 -16.08 4.02 -5.93
N ARG A 128 -15.38 4.02 -7.07
CA ARG A 128 -16.00 3.71 -8.35
C ARG A 128 -15.27 2.62 -9.12
N ASP A 129 -14.29 1.96 -8.49
CA ASP A 129 -13.47 0.89 -9.08
C ASP A 129 -13.07 1.18 -10.53
N GLN A 130 -12.46 2.35 -10.71
CA GLN A 130 -12.03 2.76 -12.04
C GLN A 130 -10.81 3.66 -11.96
N TRP A 131 -10.03 3.65 -13.02
CA TRP A 131 -8.81 4.43 -13.07
C TRP A 131 -9.08 5.80 -13.67
N VAL A 132 -8.44 6.82 -13.11
CA VAL A 132 -8.42 8.17 -13.67
C VAL A 132 -7.04 8.38 -14.26
N ILE A 133 -7.00 8.46 -15.57
CA ILE A 133 -5.77 8.43 -16.35
C ILE A 133 -5.56 9.78 -17.01
N ARG A 134 -4.33 10.28 -16.96
CA ARG A 134 -3.96 11.61 -17.46
C ARG A 134 -2.86 11.45 -18.50
N THR A 135 -3.02 12.12 -19.63
CA THR A 135 -1.97 12.26 -20.62
C THR A 135 -1.26 13.61 -20.47
N THR A 136 -0.13 13.75 -21.17
CA THR A 136 0.67 14.97 -21.09
C THR A 136 0.00 16.17 -21.76
N ASP A 137 -0.97 15.97 -22.65
CA ASP A 137 -1.68 17.10 -23.23
C ASP A 137 -2.83 17.58 -22.35
N GLY A 138 -3.03 16.96 -21.19
CA GLY A 138 -4.11 17.33 -20.27
C GLY A 138 -5.40 16.52 -20.39
N THR A 139 -5.53 15.62 -21.36
CA THR A 139 -6.76 14.85 -21.50
C THR A 139 -6.83 13.82 -20.37
N VAL A 140 -8.02 13.67 -19.79
CA VAL A 140 -8.23 12.71 -18.72
C VAL A 140 -9.35 11.78 -19.14
N VAL A 141 -9.31 10.56 -18.63
CA VAL A 141 -10.23 9.54 -19.07
C VAL A 141 -10.37 8.52 -17.93
N ARG A 142 -11.60 8.06 -17.69
CA ARG A 142 -11.87 6.99 -16.74
C ARG A 142 -11.85 5.68 -17.49
N ALA A 143 -11.24 4.66 -16.87
CA ALA A 143 -11.31 3.29 -17.39
C ALA A 143 -11.38 2.33 -16.21
N ARG A 144 -12.31 1.38 -16.30
CA ARG A 144 -12.42 0.39 -15.24
C ARG A 144 -11.15 -0.44 -15.14
N PHE A 145 -10.54 -0.76 -16.28
CA PHE A 145 -9.32 -1.57 -16.32
C PHE A 145 -8.22 -0.80 -17.06
N PHE A 146 -7.00 -0.97 -16.61
CA PHE A 146 -5.87 -0.20 -17.08
C PHE A 146 -4.93 -1.25 -17.66
N ILE A 147 -4.90 -1.35 -18.98
CA ILE A 147 -4.15 -2.38 -19.70
C ILE A 147 -2.92 -1.71 -20.29
N LEU A 148 -1.75 -2.03 -19.76
CA LEU A 148 -0.49 -1.37 -20.10
C LEU A 148 0.29 -2.26 -21.03
N CYS A 149 0.60 -1.75 -22.22
CA CYS A 149 1.29 -2.48 -23.27
C CYS A 149 2.46 -1.66 -23.80
N THR A 150 3.34 -1.26 -22.88
CA THR A 150 4.41 -0.31 -23.18
C THR A 150 5.70 -0.99 -23.64
N GLY A 151 5.74 -2.31 -23.64
CA GLY A 151 6.83 -3.00 -24.27
C GLY A 151 8.11 -3.06 -23.48
N PHE A 152 9.19 -3.36 -24.19
CA PHE A 152 10.50 -3.62 -23.63
C PHE A 152 11.45 -2.44 -23.78
N ALA A 153 11.06 -1.41 -24.53
CA ALA A 153 12.06 -0.53 -25.13
C ALA A 153 11.53 0.90 -25.25
N SER A 154 10.70 1.31 -24.29
CA SER A 154 10.12 2.64 -24.25
C SER A 154 10.93 3.65 -23.44
N LYS A 155 12.05 3.26 -22.85
CA LYS A 155 12.88 4.15 -22.04
C LYS A 155 14.35 3.94 -22.43
N PRO A 156 14.84 4.70 -23.41
CA PRO A 156 16.24 4.53 -23.84
C PRO A 156 17.21 4.82 -22.71
N TYR A 157 18.30 4.07 -22.67
CA TYR A 157 19.33 4.26 -21.65
C TYR A 157 20.49 5.04 -22.26
N ILE A 158 20.71 6.26 -21.79
CA ILE A 158 21.85 7.08 -22.19
C ILE A 158 22.81 7.15 -21.01
N PRO A 159 24.01 6.61 -21.10
CA PRO A 159 24.91 6.64 -19.94
C PRO A 159 25.30 8.07 -19.60
N ASN A 160 25.86 8.23 -18.40
CA ASN A 160 26.11 9.55 -17.84
C ASN A 160 27.56 9.96 -18.07
N TYR A 161 27.96 10.00 -19.34
CA TYR A 161 29.31 10.47 -19.68
C TYR A 161 29.43 11.97 -19.43
N LYS A 162 30.45 12.36 -18.67
CA LYS A 162 30.75 13.78 -18.54
C LYS A 162 30.87 14.42 -19.92
N GLY A 163 30.08 15.48 -20.13
CA GLY A 163 30.21 16.25 -21.35
C GLY A 163 29.50 15.68 -22.55
N LEU A 164 28.57 14.73 -22.35
CA LEU A 164 27.83 14.13 -23.46
C LEU A 164 27.06 15.18 -24.27
N GLU A 165 26.37 16.09 -23.58
CA GLU A 165 25.62 17.11 -24.28
C GLU A 165 26.52 18.13 -24.98
N SER A 166 27.81 18.06 -24.74
CA SER A 166 28.73 19.01 -25.33
C SER A 166 29.02 18.71 -26.79
N PHE A 167 28.64 17.53 -27.28
CA PHE A 167 29.16 17.05 -28.55
C PHE A 167 28.63 17.90 -29.70
N ALA A 168 29.54 18.36 -30.57
CA ALA A 168 29.20 19.33 -31.60
C ALA A 168 28.43 18.73 -32.78
N GLY A 169 28.63 17.45 -33.11
CA GLY A 169 28.02 16.86 -34.28
C GLY A 169 26.63 16.32 -34.01
N GLU A 170 26.19 15.41 -34.87
CA GLU A 170 24.87 14.82 -34.64
C GLU A 170 25.02 13.60 -33.75
N SER A 171 24.16 13.51 -32.74
CA SER A 171 24.08 12.29 -31.96
C SER A 171 22.64 11.96 -31.64
N PHE A 172 22.31 10.68 -31.66
CA PHE A 172 21.00 10.22 -31.22
C PHE A 172 21.13 8.80 -30.71
N HIS A 173 20.22 8.44 -29.82
CA HIS A 173 20.04 7.05 -29.45
C HIS A 173 19.44 6.29 -30.63
N THR A 174 19.68 4.97 -30.68
CA THR A 174 19.08 4.22 -31.80
C THR A 174 17.56 4.18 -31.70
N GLY A 175 17.01 4.28 -30.49
CA GLY A 175 15.58 4.29 -30.25
C GLY A 175 14.94 5.65 -30.36
N LEU A 176 15.74 6.66 -30.76
CA LEU A 176 15.30 8.02 -31.05
C LEU A 176 15.89 8.50 -32.36
N TRP A 177 16.05 7.60 -33.31
CA TRP A 177 16.57 7.98 -34.61
C TRP A 177 15.62 8.99 -35.26
N PRO A 178 16.15 10.06 -35.85
CA PRO A 178 15.29 11.03 -36.52
C PRO A 178 14.33 10.38 -37.51
N GLN A 179 13.08 10.82 -37.48
CA GLN A 179 12.08 10.28 -38.39
C GLN A 179 12.35 10.64 -39.85
N GLU A 180 13.16 11.66 -40.13
CA GLU A 180 13.49 12.05 -41.51
C GLU A 180 14.75 11.39 -42.07
N GLY A 181 15.45 10.57 -41.29
CA GLY A 181 16.65 9.91 -41.76
C GLY A 181 17.91 10.72 -41.47
N ALA A 182 19.05 10.08 -41.71
CA ALA A 182 20.39 10.63 -41.53
C ALA A 182 21.36 9.67 -42.20
N SER A 183 22.34 10.18 -42.93
CA SER A 183 23.27 9.32 -43.64
C SER A 183 24.61 9.27 -42.92
N PHE A 184 25.35 8.18 -43.12
CA PHE A 184 26.71 8.04 -42.59
C PHE A 184 27.76 8.45 -43.60
N THR A 185 27.36 8.59 -44.86
CA THR A 185 28.27 8.58 -45.99
C THR A 185 29.39 9.58 -45.79
N GLY A 186 30.63 9.07 -45.82
CA GLY A 186 31.78 9.94 -45.72
C GLY A 186 31.96 10.62 -44.39
N LYS A 187 31.24 10.21 -43.35
CA LYS A 187 31.39 10.83 -42.05
C LYS A 187 32.13 9.89 -41.09
N ARG A 188 32.83 10.49 -40.15
CA ARG A 188 33.40 9.76 -39.02
C ARG A 188 32.30 9.54 -38.00
N VAL A 189 31.94 8.27 -37.79
CA VAL A 189 30.84 7.92 -36.89
C VAL A 189 31.38 6.95 -35.84
N GLY A 190 30.97 7.16 -34.60
CA GLY A 190 31.26 6.25 -33.50
C GLY A 190 29.97 5.71 -32.94
N VAL A 191 29.96 4.41 -32.68
CA VAL A 191 28.80 3.72 -32.13
C VAL A 191 29.19 3.20 -30.76
N VAL A 192 28.39 3.51 -29.75
CA VAL A 192 28.69 3.14 -28.38
C VAL A 192 27.67 2.09 -27.97
N GLY A 193 28.17 0.93 -27.56
CA GLY A 193 27.32 -0.22 -27.33
C GLY A 193 27.32 -1.13 -28.54
N THR A 194 27.35 -2.44 -28.30
CA THR A 194 27.25 -3.43 -29.36
C THR A 194 26.03 -4.32 -29.19
N GLY A 195 24.94 -3.78 -28.67
CA GLY A 195 23.72 -4.55 -28.59
C GLY A 195 23.17 -4.87 -29.97
N ALA A 196 21.96 -5.42 -29.96
CA ALA A 196 21.35 -5.85 -31.23
C ALA A 196 21.20 -4.69 -32.21
N SER A 197 20.76 -3.51 -31.72
CA SER A 197 20.70 -2.35 -32.61
C SER A 197 22.09 -1.88 -33.03
N GLY A 198 23.10 -2.04 -32.17
CA GLY A 198 24.45 -1.62 -32.55
C GLY A 198 24.99 -2.45 -33.70
N VAL A 199 24.86 -3.77 -33.59
CA VAL A 199 25.25 -4.69 -34.66
C VAL A 199 24.64 -4.25 -35.98
N GLN A 200 23.35 -3.90 -35.96
CA GLN A 200 22.70 -3.51 -37.20
C GLN A 200 23.21 -2.16 -37.69
N VAL A 201 23.33 -1.19 -36.78
CA VAL A 201 23.86 0.12 -37.14
C VAL A 201 25.29 0.00 -37.68
N VAL A 202 26.13 -0.76 -36.97
CA VAL A 202 27.50 -0.98 -37.43
C VAL A 202 27.53 -1.53 -38.84
N GLN A 203 26.58 -2.41 -39.16
CA GLN A 203 26.53 -3.00 -40.49
C GLN A 203 26.30 -1.93 -41.56
N GLU A 204 25.31 -1.05 -41.36
CA GLU A 204 25.05 -0.04 -42.39
C GLU A 204 26.18 0.99 -42.48
N ALA A 205 26.64 1.53 -41.34
CA ALA A 205 27.65 2.58 -41.39
C ALA A 205 28.98 2.10 -41.95
N SER A 206 29.27 0.80 -41.80
CA SER A 206 30.57 0.26 -42.23
C SER A 206 30.78 0.40 -43.72
N LYS A 207 29.72 0.40 -44.52
CA LYS A 207 29.94 0.50 -45.96
C LYS A 207 30.00 1.93 -46.46
N ASP A 208 29.51 2.90 -45.68
CA ASP A 208 29.41 4.30 -46.06
C ASP A 208 30.45 5.19 -45.38
N ALA A 209 30.70 4.96 -44.10
CA ALA A 209 31.39 5.95 -43.29
C ALA A 209 32.84 6.08 -43.70
N ALA A 210 33.34 7.32 -43.68
CA ALA A 210 34.77 7.54 -43.89
C ALA A 210 35.60 6.90 -42.80
N HIS A 211 35.11 6.87 -41.56
CA HIS A 211 35.67 6.02 -40.51
C HIS A 211 34.61 5.68 -39.48
N LEU A 212 34.68 4.45 -38.97
CA LEU A 212 33.72 3.91 -38.01
C LEU A 212 34.49 3.31 -36.84
N THR A 213 34.32 3.87 -35.64
CA THR A 213 34.88 3.26 -34.44
C THR A 213 33.74 2.76 -33.58
N VAL A 214 33.91 1.58 -33.04
CA VAL A 214 32.88 0.92 -32.25
C VAL A 214 33.42 0.78 -30.84
N PHE A 215 32.61 1.14 -29.86
CA PHE A 215 33.02 1.09 -28.47
C PHE A 215 32.29 -0.08 -27.82
N GLN A 216 33.06 -1.04 -27.33
CA GLN A 216 32.54 -2.32 -26.87
C GLN A 216 32.87 -2.47 -25.40
N ARG A 217 31.85 -2.71 -24.57
CA ARG A 217 32.08 -3.07 -23.17
C ARG A 217 32.32 -4.55 -23.05
N THR A 218 31.49 -5.36 -23.71
CA THR A 218 31.54 -6.80 -23.69
C THR A 218 31.23 -7.29 -25.09
N PRO A 219 31.98 -8.28 -25.59
CA PRO A 219 31.70 -8.82 -26.94
C PRO A 219 30.32 -9.45 -26.98
N ILE A 220 29.53 -9.05 -27.97
CA ILE A 220 28.27 -9.76 -28.20
C ILE A 220 28.59 -11.09 -28.85
N LEU A 221 27.73 -12.05 -28.57
CA LEU A 221 27.86 -13.36 -29.18
C LEU A 221 26.87 -13.47 -30.33
N ALA A 222 27.10 -12.61 -31.32
CA ALA A 222 26.17 -12.45 -32.43
C ALA A 222 26.12 -13.71 -33.27
N LEU A 223 24.85 -14.21 -33.54
CA LEU A 223 24.62 -15.43 -34.29
C LEU A 223 24.37 -15.13 -35.77
N PRO A 224 24.70 -16.05 -36.67
CA PRO A 224 24.45 -15.81 -38.10
C PRO A 224 22.96 -15.78 -38.41
N MET A 225 22.54 -14.74 -39.12
CA MET A 225 21.12 -14.57 -39.40
C MET A 225 20.63 -15.56 -40.45
N GLN A 226 21.45 -15.82 -41.46
CA GLN A 226 21.01 -16.54 -42.65
C GLN A 226 19.82 -15.85 -43.31
N GLN A 227 19.95 -14.53 -43.53
CA GLN A 227 18.96 -13.80 -44.32
C GLN A 227 18.72 -14.49 -45.67
N ARG A 228 17.49 -14.34 -46.19
CA ARG A 228 17.07 -14.89 -47.49
C ARG A 228 16.01 -14.00 -48.09
N LYS A 229 16.13 -13.68 -49.37
CA LYS A 229 15.06 -13.01 -50.09
C LYS A 229 13.90 -13.99 -50.36
N LEU A 230 12.67 -13.47 -50.35
CA LEU A 230 11.46 -14.29 -50.44
C LEU A 230 10.62 -13.88 -51.65
N ASP A 231 9.86 -14.85 -52.17
CA ASP A 231 8.99 -14.59 -53.30
C ASP A 231 7.57 -15.04 -52.98
N VAL A 232 6.60 -14.42 -53.67
CA VAL A 232 5.20 -14.67 -53.38
C VAL A 232 4.84 -16.14 -53.64
N GLU A 233 5.42 -16.72 -54.69
CA GLU A 233 5.14 -18.10 -55.08
C GLU A 233 5.43 -19.07 -53.94
N THR A 234 6.70 -19.15 -53.50
CA THR A 234 7.07 -20.14 -52.50
C THR A 234 6.29 -19.94 -51.20
N GLN A 235 6.01 -18.67 -50.83
CA GLN A 235 5.28 -18.38 -49.60
C GLN A 235 3.85 -18.93 -49.65
N GLN A 236 3.19 -18.79 -50.80
CA GLN A 236 1.85 -19.38 -50.93
C GLN A 236 1.87 -20.90 -50.74
N ARG A 237 2.89 -21.59 -51.28
CA ARG A 237 2.98 -23.02 -51.09
C ARG A 237 3.21 -23.39 -49.63
N MET A 238 4.06 -22.63 -48.94
CA MET A 238 4.32 -22.89 -47.53
C MET A 238 3.09 -22.70 -46.66
N LYS A 239 2.23 -21.75 -47.02
CA LYS A 239 1.12 -21.37 -46.15
C LYS A 239 0.16 -22.52 -45.86
N ALA A 240 0.34 -23.66 -46.52
CA ALA A 240 -0.39 -24.87 -46.14
C ALA A 240 0.08 -25.38 -44.79
N ASP A 241 1.32 -25.08 -44.42
CA ASP A 241 1.88 -25.49 -43.14
C ASP A 241 1.66 -24.48 -42.03
N TYR A 242 1.20 -23.27 -42.36
CA TYR A 242 1.16 -22.22 -41.35
C TYR A 242 0.28 -22.55 -40.17
N PRO A 243 -0.94 -23.05 -40.33
CA PRO A 243 -1.73 -23.41 -39.13
C PRO A 243 -0.96 -24.30 -38.18
N GLU A 244 -0.18 -25.25 -38.69
CA GLU A 244 0.65 -26.07 -37.80
C GLU A 244 1.75 -25.25 -37.14
N ILE A 245 2.39 -24.35 -37.88
CA ILE A 245 3.43 -23.52 -37.32
C ILE A 245 2.88 -22.70 -36.17
N PHE A 246 1.67 -22.16 -36.33
CA PHE A 246 1.15 -21.31 -35.26
C PHE A 246 0.73 -22.13 -34.04
N ARG A 247 0.34 -23.38 -34.26
CA ARG A 247 0.07 -24.25 -33.10
C ARG A 247 1.37 -24.63 -32.38
N ILE A 248 2.41 -24.97 -33.15
CA ILE A 248 3.69 -25.41 -32.61
C ILE A 248 4.40 -24.30 -31.80
N ARG A 249 4.33 -23.04 -32.28
CA ARG A 249 5.03 -21.96 -31.58
C ARG A 249 4.47 -21.69 -30.20
N ARG A 250 3.24 -22.10 -29.91
CA ARG A 250 2.68 -21.91 -28.57
C ARG A 250 3.27 -22.83 -27.54
N GLU A 251 4.09 -23.79 -27.98
CA GLU A 251 4.44 -24.91 -27.14
C GLU A 251 5.96 -25.00 -26.96
N THR A 252 6.70 -24.01 -27.39
CA THR A 252 8.14 -24.06 -27.27
C THR A 252 8.59 -23.08 -26.18
N PHE A 253 9.86 -23.21 -25.79
CA PHE A 253 10.39 -22.48 -24.65
C PHE A 253 10.19 -20.98 -24.84
N GLY A 254 10.56 -20.47 -26.02
CA GLY A 254 10.50 -19.04 -26.29
C GLY A 254 9.43 -18.63 -27.28
N GLY A 255 8.46 -19.49 -27.58
CA GLY A 255 7.37 -19.09 -28.42
C GLY A 255 7.71 -19.12 -29.89
N PHE A 256 8.82 -19.73 -30.26
CA PHE A 256 9.19 -19.83 -31.65
C PHE A 256 8.82 -21.21 -32.16
N ASP A 257 8.99 -21.39 -33.46
CA ASP A 257 8.79 -22.73 -34.03
C ASP A 257 10.12 -23.49 -34.09
N ILE A 258 10.83 -23.49 -32.97
CA ILE A 258 12.12 -24.18 -32.87
C ILE A 258 11.98 -25.26 -31.82
N LEU A 259 12.10 -26.51 -32.23
CA LEU A 259 12.14 -27.63 -31.30
C LEU A 259 13.58 -27.93 -30.94
N ARG A 260 13.88 -27.91 -29.65
CA ARG A 260 15.21 -28.27 -29.18
C ARG A 260 15.49 -29.75 -29.43
N ASP A 261 16.77 -30.12 -29.38
CA ASP A 261 17.14 -31.53 -29.36
C ASP A 261 17.04 -32.04 -27.93
N GLU A 262 16.23 -33.07 -27.69
CA GLU A 262 15.97 -33.52 -26.33
C GLU A 262 17.15 -34.25 -25.70
N ARG A 263 18.14 -34.64 -26.49
CA ARG A 263 19.26 -35.37 -25.94
C ARG A 263 20.16 -34.43 -25.15
N SER A 264 21.09 -35.02 -24.41
CA SER A 264 22.10 -34.24 -23.73
C SER A 264 23.31 -34.10 -24.65
N ALA A 265 23.89 -32.89 -24.69
CA ALA A 265 25.15 -32.67 -25.41
C ALA A 265 26.26 -33.56 -24.87
N LEU A 266 26.27 -33.82 -23.57
CA LEU A 266 27.31 -34.63 -22.96
C LEU A 266 27.10 -36.13 -23.16
N GLU A 267 25.87 -36.56 -23.47
CA GLU A 267 25.58 -37.97 -23.68
C GLU A 267 25.53 -38.34 -25.16
N VAL A 268 26.24 -37.60 -26.00
CA VAL A 268 26.17 -37.76 -27.46
C VAL A 268 27.62 -37.70 -27.95
N PRO A 269 27.99 -38.49 -28.96
CA PRO A 269 29.38 -38.44 -29.43
C PRO A 269 29.71 -37.09 -29.99
N PRO A 270 30.98 -36.68 -29.93
CA PRO A 270 31.34 -35.32 -30.36
C PRO A 270 31.02 -35.03 -31.82
N GLU A 271 31.36 -35.95 -32.72
CA GLU A 271 31.04 -35.78 -34.13
C GLU A 271 29.54 -35.58 -34.33
N GLU A 272 28.73 -36.11 -33.42
CA GLU A 272 27.29 -35.92 -33.51
C GLU A 272 26.86 -34.52 -33.05
N ARG A 273 27.47 -33.99 -31.99
CA ARG A 273 27.25 -32.60 -31.60
C ARG A 273 27.62 -31.65 -32.71
N CYS A 274 28.79 -31.86 -33.33
CA CYS A 274 29.20 -30.97 -34.41
C CYS A 274 28.24 -31.05 -35.60
N ALA A 275 27.63 -32.20 -35.82
CA ALA A 275 26.63 -32.33 -36.87
C ALA A 275 25.42 -31.46 -36.56
N LEU A 276 24.85 -31.58 -35.35
CA LEU A 276 23.70 -30.77 -35.00
C LEU A 276 24.05 -29.29 -35.02
N TYR A 277 25.19 -28.92 -34.43
CA TYR A 277 25.61 -27.53 -34.43
C TYR A 277 25.74 -26.98 -35.85
N GLU A 278 26.25 -27.80 -36.77
CA GLU A 278 26.35 -27.37 -38.16
C GLU A 278 24.99 -27.19 -38.81
N LYS A 279 24.04 -28.08 -38.49
CA LYS A 279 22.69 -27.98 -39.05
C LYS A 279 22.03 -26.69 -38.57
N LEU A 280 21.95 -26.52 -37.25
CA LEU A 280 21.46 -25.30 -36.63
C LEU A 280 22.16 -24.05 -37.19
N TRP A 281 23.50 -24.10 -37.30
CA TRP A 281 24.24 -22.96 -37.86
C TRP A 281 23.74 -22.59 -39.25
N GLN A 282 23.33 -23.58 -40.06
CA GLN A 282 22.91 -23.30 -41.42
C GLN A 282 21.47 -22.80 -41.49
N LYS A 283 20.56 -23.29 -40.62
CA LYS A 283 19.21 -22.73 -40.62
C LYS A 283 19.20 -21.28 -40.11
N GLY A 284 20.16 -20.91 -39.26
CA GLY A 284 20.33 -19.54 -38.84
C GLY A 284 19.35 -19.10 -37.76
N GLY A 285 19.37 -17.79 -37.51
CA GLY A 285 18.45 -17.14 -36.58
C GLY A 285 18.65 -17.68 -35.18
N PHE A 286 17.53 -17.86 -34.47
CA PHE A 286 17.58 -18.44 -33.14
C PHE A 286 17.60 -19.94 -33.12
N HIS A 287 17.72 -20.59 -34.28
CA HIS A 287 17.90 -22.03 -34.26
C HIS A 287 19.13 -22.41 -33.44
N TYR A 288 20.22 -21.65 -33.57
CA TYR A 288 21.44 -21.98 -32.84
C TYR A 288 21.34 -21.55 -31.38
N TRP A 289 20.52 -20.57 -31.07
CA TRP A 289 20.29 -20.19 -29.68
C TRP A 289 19.48 -21.26 -28.95
N ILE A 290 18.39 -21.69 -29.55
CA ILE A 290 17.33 -22.37 -28.82
C ILE A 290 17.09 -23.81 -29.32
N GLY A 291 17.70 -24.23 -30.41
CA GLY A 291 17.47 -25.52 -31.01
C GLY A 291 18.52 -26.58 -30.73
N GLY A 292 19.47 -26.32 -29.85
CA GLY A 292 20.43 -27.32 -29.50
C GLY A 292 19.87 -28.33 -28.52
N PHE A 293 20.79 -28.88 -27.72
CA PHE A 293 20.52 -29.94 -26.77
C PHE A 293 19.84 -29.39 -25.51
N SER A 294 19.25 -30.29 -24.73
CA SER A 294 18.36 -29.88 -23.65
C SER A 294 19.10 -29.19 -22.51
N ASP A 295 20.37 -29.57 -22.28
CA ASP A 295 21.16 -29.04 -21.18
C ASP A 295 22.13 -27.94 -21.62
N ILE A 296 21.89 -27.31 -22.79
CA ILE A 296 22.79 -26.24 -23.19
C ILE A 296 22.67 -25.05 -22.22
N LEU A 297 21.50 -24.85 -21.64
CA LEU A 297 21.26 -23.73 -20.73
C LEU A 297 21.01 -24.19 -19.31
N THR A 298 21.35 -25.43 -18.99
CA THR A 298 21.33 -25.87 -17.60
C THR A 298 22.68 -26.43 -17.16
N ASN A 299 23.58 -26.75 -18.09
CA ASN A 299 24.83 -27.45 -17.77
C ASN A 299 25.99 -26.65 -18.35
N GLU A 300 26.91 -26.24 -17.49
CA GLU A 300 28.01 -25.40 -17.93
C GLU A 300 28.88 -26.10 -18.98
N GLU A 301 29.16 -27.40 -18.78
CA GLU A 301 30.00 -28.13 -19.74
C GLU A 301 29.34 -28.19 -21.11
N ALA A 302 28.06 -28.58 -21.15
CA ALA A 302 27.34 -28.64 -22.41
C ALA A 302 27.29 -27.28 -23.07
N ASN A 303 27.06 -26.24 -22.28
CA ASN A 303 27.03 -24.88 -22.80
C ASN A 303 28.31 -24.57 -23.57
N ARG A 304 29.45 -24.99 -23.03
CA ARG A 304 30.73 -24.63 -23.63
C ARG A 304 30.88 -25.23 -25.04
N THR A 305 30.38 -26.45 -25.25
CA THR A 305 30.44 -27.08 -26.57
C THR A 305 29.83 -26.19 -27.65
N MET A 306 28.72 -25.52 -27.34
CA MET A 306 28.11 -24.63 -28.32
C MET A 306 28.83 -23.29 -28.44
N TYR A 307 29.42 -22.77 -27.35
CA TYR A 307 30.22 -21.56 -27.48
C TYR A 307 31.45 -21.82 -28.34
N ASP A 308 32.15 -22.92 -28.06
CA ASP A 308 33.39 -23.26 -28.78
C ASP A 308 33.15 -23.38 -30.27
N PHE A 309 31.99 -23.92 -30.67
CA PHE A 309 31.65 -23.99 -32.10
C PHE A 309 31.39 -22.61 -32.69
N TRP A 310 30.74 -21.73 -31.93
CA TRP A 310 30.54 -20.36 -32.41
C TRP A 310 31.85 -19.60 -32.48
N ARG A 311 32.71 -19.79 -31.48
CA ARG A 311 34.00 -19.12 -31.43
C ARG A 311 34.84 -19.41 -32.68
N ASP A 312 34.94 -20.69 -33.06
CA ASP A 312 35.79 -21.05 -34.21
C ASP A 312 35.17 -20.57 -35.53
N LYS A 313 33.84 -20.64 -35.66
CA LYS A 313 33.18 -20.02 -36.80
C LYS A 313 33.55 -18.54 -36.90
N THR A 314 33.44 -17.82 -35.79
CA THR A 314 33.62 -16.38 -35.83
C THR A 314 35.08 -15.99 -36.03
N ARG A 315 35.99 -16.61 -35.26
CA ARG A 315 37.40 -16.26 -35.36
C ARG A 315 37.93 -16.50 -36.77
N ALA A 316 37.37 -17.47 -37.50
CA ALA A 316 37.73 -17.66 -38.90
C ALA A 316 37.33 -16.48 -39.78
N ARG A 317 36.24 -15.79 -39.46
CA ARG A 317 35.81 -14.68 -40.30
C ARG A 317 36.70 -13.45 -40.11
N ILE A 318 37.40 -13.34 -38.96
CA ILE A 318 38.19 -12.17 -38.60
C ILE A 318 39.65 -12.42 -38.92
N LYS A 319 40.30 -11.41 -39.48
CA LYS A 319 41.65 -11.65 -39.95
C LYS A 319 42.74 -11.28 -38.95
N ASN A 320 42.43 -10.45 -37.97
CA ASN A 320 43.43 -10.03 -37.00
C ASN A 320 43.22 -10.81 -35.71
N PRO A 321 44.20 -11.60 -35.24
CA PRO A 321 44.01 -12.34 -33.99
C PRO A 321 43.84 -11.44 -32.77
N ALA A 322 44.44 -10.24 -32.77
CA ALA A 322 44.18 -9.25 -31.71
C ALA A 322 42.73 -8.76 -31.74
N LEU A 323 42.15 -8.62 -32.94
CA LEU A 323 40.71 -8.37 -33.05
C LEU A 323 39.92 -9.58 -32.61
N ALA A 324 40.30 -10.77 -33.06
CA ALA A 324 39.50 -11.96 -32.78
C ALA A 324 39.42 -12.23 -31.27
N ASP A 325 40.50 -11.97 -30.53
CA ASP A 325 40.42 -12.05 -29.07
C ASP A 325 39.40 -11.06 -28.52
N LYS A 326 39.25 -9.90 -29.15
CA LYS A 326 38.28 -8.95 -28.65
C LYS A 326 36.86 -9.31 -29.08
N LEU A 327 36.68 -9.79 -30.31
CA LEU A 327 35.34 -10.11 -30.79
C LEU A 327 34.88 -11.51 -30.41
N ALA A 328 35.79 -12.46 -30.26
CA ALA A 328 35.45 -13.88 -30.09
C ALA A 328 36.46 -14.51 -29.15
N PRO A 329 36.44 -14.15 -27.87
CA PRO A 329 37.51 -14.58 -26.95
C PRO A 329 37.52 -16.09 -26.77
N MET A 330 38.71 -16.61 -26.40
CA MET A 330 38.85 -18.05 -26.18
C MET A 330 37.97 -18.51 -25.02
N GLU A 331 38.08 -17.84 -23.87
CA GLU A 331 37.11 -18.07 -22.81
C GLU A 331 35.88 -17.21 -23.06
N PRO A 332 34.67 -17.71 -22.83
CA PRO A 332 33.48 -16.89 -23.00
C PRO A 332 33.34 -15.92 -21.85
N PRO A 333 32.90 -14.67 -22.11
CA PRO A 333 32.71 -13.71 -21.01
C PRO A 333 31.54 -14.06 -20.11
N HIS A 334 30.56 -14.78 -20.63
CA HIS A 334 29.43 -15.31 -19.88
C HIS A 334 29.05 -16.63 -20.53
N PRO A 335 28.10 -17.39 -19.95
CA PRO A 335 27.58 -18.56 -20.65
C PRO A 335 26.85 -18.19 -21.93
N PHE A 336 27.04 -19.00 -22.96
CA PHE A 336 26.37 -18.82 -24.24
C PHE A 336 24.85 -18.85 -24.07
N GLY A 337 24.15 -18.01 -24.83
CA GLY A 337 22.70 -18.11 -24.88
C GLY A 337 21.99 -17.74 -23.59
N VAL A 338 22.64 -17.01 -22.70
CA VAL A 338 21.99 -16.68 -21.44
C VAL A 338 21.19 -15.39 -21.57
N LYS A 339 21.70 -14.41 -22.32
CA LYS A 339 20.89 -13.30 -22.77
C LYS A 339 20.36 -13.60 -24.18
N ARG A 340 19.29 -12.91 -24.58
CA ARG A 340 18.76 -13.08 -25.93
C ARG A 340 19.80 -12.67 -26.97
N PRO A 341 20.22 -13.58 -27.86
CA PRO A 341 21.32 -13.26 -28.77
C PRO A 341 20.94 -12.16 -29.76
N SER A 342 21.98 -11.47 -30.24
CA SER A 342 21.89 -10.65 -31.44
C SER A 342 22.12 -11.50 -32.68
N LEU A 343 21.46 -11.13 -33.78
CA LEU A 343 21.76 -11.69 -35.09
C LEU A 343 22.69 -10.76 -35.86
N GLU A 344 23.32 -11.31 -36.89
CA GLU A 344 24.26 -10.59 -37.74
C GLU A 344 24.35 -11.25 -39.11
N GLN A 345 24.57 -10.42 -40.14
CA GLN A 345 24.82 -10.89 -41.50
C GLN A 345 26.30 -10.85 -41.85
N TRP A 346 26.92 -9.65 -41.84
CA TRP A 346 28.35 -9.49 -42.15
C TRP A 346 29.02 -8.63 -41.09
N TYR A 347 28.52 -8.70 -39.86
CA TYR A 347 29.04 -7.87 -38.79
C TYR A 347 30.51 -8.17 -38.48
N TYR A 348 30.93 -9.43 -38.62
CA TYR A 348 32.32 -9.71 -38.27
C TYR A 348 33.26 -9.33 -39.40
N GLU A 349 32.82 -9.44 -40.66
CA GLU A 349 33.65 -8.97 -41.76
C GLU A 349 33.91 -7.46 -41.71
N ALA A 350 32.97 -6.66 -41.19
CA ALA A 350 33.15 -5.20 -41.22
C ALA A 350 34.42 -4.78 -40.48
N PHE A 351 34.77 -5.48 -39.41
CA PHE A 351 35.97 -5.15 -38.64
C PHE A 351 37.27 -5.45 -39.37
N ASN A 352 37.22 -6.19 -40.46
CA ASN A 352 38.40 -6.40 -41.28
C ASN A 352 38.67 -5.21 -42.19
N GLN A 353 37.73 -4.28 -42.29
CA GLN A 353 37.92 -3.14 -43.18
C GLN A 353 38.95 -2.18 -42.58
N ASP A 354 39.57 -1.41 -43.47
CA ASP A 354 40.57 -0.45 -43.03
C ASP A 354 39.95 0.80 -42.41
N ASN A 355 38.69 1.10 -42.73
CA ASN A 355 38.00 2.28 -42.21
C ASN A 355 37.22 2.01 -40.93
N VAL A 356 37.37 0.83 -40.31
CA VAL A 356 36.62 0.46 -39.11
C VAL A 356 37.61 0.11 -38.00
N SER A 357 37.33 0.61 -36.78
CA SER A 357 38.18 0.39 -35.61
C SER A 357 37.36 -0.12 -34.42
N LEU A 358 38.00 -0.88 -33.54
CA LEU A 358 37.31 -1.43 -32.37
C LEU A 358 38.02 -1.00 -31.09
N VAL A 359 37.31 -0.26 -30.24
CA VAL A 359 37.81 0.19 -28.95
C VAL A 359 37.11 -0.58 -27.84
N ASP A 360 37.91 -1.28 -27.02
CA ASP A 360 37.44 -2.04 -25.86
C ASP A 360 37.39 -1.09 -24.67
N VAL A 361 36.17 -0.70 -24.27
CA VAL A 361 35.94 0.21 -23.15
C VAL A 361 36.44 -0.38 -21.82
N ARG A 362 36.65 -1.70 -21.77
CA ARG A 362 37.28 -2.26 -20.57
C ARG A 362 38.76 -1.88 -20.52
N GLU A 363 39.48 -2.02 -21.64
CA GLU A 363 40.89 -1.64 -21.66
C GLU A 363 41.06 -0.12 -21.64
N MET A 364 40.33 0.58 -22.52
CA MET A 364 40.48 2.01 -22.73
C MET A 364 39.14 2.67 -22.39
N PRO A 365 38.81 2.81 -21.11
CA PRO A 365 37.49 3.33 -20.75
C PRO A 365 37.30 4.74 -21.28
N ILE A 366 36.03 5.07 -21.53
CA ILE A 366 35.67 6.42 -21.98
C ILE A 366 35.89 7.38 -20.82
N VAL A 367 36.75 8.40 -21.03
CA VAL A 367 37.05 9.35 -19.95
C VAL A 367 36.00 10.46 -19.90
N GLU A 368 35.63 10.99 -21.06
CA GLU A 368 34.90 12.25 -21.16
C GLU A 368 34.43 12.43 -22.60
N ILE A 369 33.21 12.97 -22.76
CA ILE A 369 32.70 13.36 -24.08
C ILE A 369 33.04 14.81 -24.31
N VAL A 370 33.53 15.11 -25.49
CA VAL A 370 34.02 16.44 -25.80
C VAL A 370 33.46 16.80 -27.17
N PRO A 371 33.46 18.10 -27.54
CA PRO A 371 32.75 18.48 -28.78
C PRO A 371 33.32 17.85 -30.04
N GLU A 372 34.64 17.65 -30.10
CA GLU A 372 35.29 16.98 -31.23
C GLU A 372 35.11 15.46 -31.21
N GLY A 373 34.63 14.86 -30.13
CA GLY A 373 34.46 13.43 -30.19
C GLY A 373 34.51 12.78 -28.82
N VAL A 374 35.00 11.55 -28.81
CA VAL A 374 35.00 10.72 -27.62
C VAL A 374 36.44 10.49 -27.19
N LEU A 375 36.72 10.75 -25.92
CA LEU A 375 38.06 10.68 -25.36
C LEU A 375 38.14 9.47 -24.45
N THR A 376 38.80 8.42 -24.92
CA THR A 376 39.06 7.25 -24.10
C THR A 376 40.35 7.45 -23.34
N SER A 377 40.77 6.42 -22.62
CA SER A 377 41.97 6.56 -21.82
C SER A 377 43.22 6.60 -22.67
N ASP A 378 43.17 6.19 -23.93
CA ASP A 378 44.37 6.28 -24.77
C ASP A 378 44.23 7.25 -25.95
N GLY A 379 43.26 8.14 -25.93
CA GLY A 379 43.25 9.21 -26.91
C GLY A 379 41.84 9.60 -27.31
N LEU A 380 41.75 10.72 -28.05
CA LEU A 380 40.50 11.26 -28.55
C LEU A 380 40.16 10.59 -29.87
N VAL A 381 38.89 10.21 -30.04
CA VAL A 381 38.36 9.67 -31.30
C VAL A 381 37.48 10.75 -31.90
N GLU A 382 37.99 11.51 -32.86
CA GLU A 382 37.18 12.57 -33.45
C GLU A 382 36.06 11.97 -34.27
N LEU A 383 34.84 12.48 -34.05
CA LEU A 383 33.63 11.98 -34.70
C LEU A 383 32.82 13.11 -35.32
N ASP A 384 32.23 12.84 -36.47
CA ASP A 384 31.18 13.71 -36.98
C ASP A 384 29.82 13.36 -36.39
N MET A 385 29.54 12.10 -36.14
CA MET A 385 28.27 11.73 -35.53
C MET A 385 28.47 10.59 -34.52
N LEU A 386 27.77 10.69 -33.40
CA LEU A 386 27.92 9.80 -32.26
C LEU A 386 26.61 9.03 -32.09
N VAL A 387 26.61 7.73 -32.45
CA VAL A 387 25.41 6.92 -32.29
C VAL A 387 25.47 6.20 -30.94
N LEU A 388 24.51 6.49 -30.06
CA LEU A 388 24.39 5.81 -28.78
C LEU A 388 23.53 4.57 -28.99
N ALA A 389 24.18 3.42 -29.18
CA ALA A 389 23.45 2.15 -29.21
C ALA A 389 23.56 1.45 -27.86
N THR A 390 23.24 2.19 -26.79
CA THR A 390 23.44 1.70 -25.43
C THR A 390 22.19 0.97 -24.86
N GLY A 391 21.21 0.62 -25.71
CA GLY A 391 20.06 -0.14 -25.25
C GLY A 391 19.04 0.66 -24.45
N PHE A 392 18.27 -0.08 -23.65
CA PHE A 392 17.09 0.49 -23.02
C PHE A 392 17.05 0.10 -21.55
N ASP A 393 16.35 0.90 -20.77
CA ASP A 393 16.04 0.51 -19.40
C ASP A 393 15.25 -0.79 -19.41
N ALA A 394 15.33 -1.52 -18.29
CA ALA A 394 14.48 -2.70 -18.13
C ALA A 394 13.01 -2.32 -18.24
N VAL A 395 12.16 -3.34 -18.39
CA VAL A 395 10.72 -3.08 -18.56
C VAL A 395 10.16 -2.29 -17.39
N THR A 396 10.88 -2.23 -16.27
CA THR A 396 10.41 -1.45 -15.14
C THR A 396 10.51 0.04 -15.42
N GLY A 397 11.45 0.43 -16.29
CA GLY A 397 11.64 1.86 -16.56
C GLY A 397 10.56 2.42 -17.48
N GLY A 398 10.02 1.57 -18.35
CA GLY A 398 8.94 2.00 -19.21
C GLY A 398 7.58 2.01 -18.57
N LEU A 399 7.39 1.18 -17.54
CA LEU A 399 6.16 1.24 -16.77
C LEU A 399 6.26 2.30 -15.68
N THR A 400 7.38 2.40 -15.00
CA THR A 400 7.44 3.39 -13.94
C THR A 400 7.67 4.78 -14.49
N GLN A 401 7.86 4.92 -15.79
CA GLN A 401 7.92 6.23 -16.42
C GLN A 401 6.56 6.94 -16.35
N ILE A 402 5.46 6.19 -16.24
CA ILE A 402 4.15 6.78 -15.94
C ILE A 402 4.03 6.95 -14.44
N ASP A 403 3.43 8.06 -13.98
CA ASP A 403 3.30 8.28 -12.54
C ASP A 403 1.99 7.66 -12.06
N ILE A 404 2.09 6.44 -11.55
CA ILE A 404 0.93 5.59 -11.29
C ILE A 404 0.77 5.43 -9.78
N HIS A 405 -0.35 5.95 -9.27
CA HIS A 405 -0.61 6.03 -7.83
C HIS A 405 -1.53 4.88 -7.45
N GLY A 406 -1.04 3.97 -6.65
CA GLY A 406 -1.81 2.80 -6.28
C GLY A 406 -2.59 2.99 -5.01
N THR A 407 -3.46 2.03 -4.74
CA THR A 407 -4.25 2.10 -3.53
C THR A 407 -3.45 1.74 -2.29
N GLY A 408 -2.15 1.48 -2.44
CA GLY A 408 -1.29 1.23 -1.31
C GLY A 408 -0.66 2.46 -0.72
N GLY A 409 -0.83 3.60 -1.39
CA GLY A 409 -0.30 4.86 -0.94
C GLY A 409 1.02 5.24 -1.57
N ILE A 410 1.57 4.40 -2.46
CA ILE A 410 2.83 4.70 -3.10
C ILE A 410 2.65 4.61 -4.60
N THR A 411 3.61 5.17 -5.32
CA THR A 411 3.61 5.06 -6.77
C THR A 411 4.24 3.74 -7.20
N LEU A 412 3.97 3.36 -8.46
CA LEU A 412 4.58 2.16 -9.01
C LEU A 412 6.10 2.28 -9.07
N LYS A 413 6.61 3.47 -9.43
CA LYS A 413 8.05 3.69 -9.35
C LYS A 413 8.56 3.41 -7.95
N GLU A 414 7.85 3.89 -6.94
CA GLU A 414 8.27 3.67 -5.56
C GLU A 414 8.14 2.20 -5.16
N LYS A 415 7.12 1.51 -5.67
CA LYS A 415 6.91 0.12 -5.31
C LYS A 415 7.99 -0.80 -5.88
N TRP A 416 8.67 -0.41 -6.95
CA TRP A 416 9.64 -1.26 -7.62
C TRP A 416 11.08 -0.77 -7.46
N THR A 417 11.33 0.18 -6.55
CA THR A 417 12.68 0.74 -6.42
C THR A 417 13.66 -0.31 -5.95
N GLU A 418 13.21 -1.23 -5.09
CA GLU A 418 14.00 -2.39 -4.72
C GLU A 418 14.02 -3.45 -5.81
N GLY A 419 13.09 -3.40 -6.74
CA GLY A 419 12.99 -4.42 -7.76
C GLY A 419 11.54 -4.72 -8.09
N ALA A 420 11.36 -5.38 -9.23
CA ALA A 420 10.02 -5.68 -9.72
C ALA A 420 9.30 -6.64 -8.79
N ARG A 421 8.05 -6.31 -8.46
CA ARG A 421 7.19 -7.09 -7.57
C ARG A 421 5.87 -7.31 -8.29
N THR A 422 5.60 -8.56 -8.69
CA THR A 422 4.39 -8.90 -9.43
C THR A 422 3.87 -10.28 -9.05
N TYR A 423 2.59 -10.49 -9.35
CA TYR A 423 2.02 -11.83 -9.36
C TYR A 423 1.71 -12.21 -10.80
N LEU A 424 2.11 -13.43 -11.19
CA LEU A 424 1.89 -13.97 -12.52
C LEU A 424 2.54 -13.14 -13.62
N GLY A 425 3.41 -12.19 -13.25
CA GLY A 425 4.00 -11.29 -14.23
C GLY A 425 2.99 -10.35 -14.82
N PHE A 426 1.80 -10.31 -14.23
CA PHE A 426 0.68 -9.57 -14.80
C PHE A 426 0.24 -8.38 -13.96
N ALA A 427 0.31 -8.48 -12.62
CA ALA A 427 -0.26 -7.48 -11.73
C ALA A 427 0.68 -7.25 -10.56
N THR A 428 0.35 -6.26 -9.73
CA THR A 428 1.13 -5.89 -8.54
C THR A 428 0.18 -5.49 -7.42
N SER A 429 0.38 -6.07 -6.23
CA SER A 429 -0.42 -5.68 -5.08
C SER A 429 -0.40 -4.17 -4.90
N GLY A 430 -1.50 -3.62 -4.43
CA GLY A 430 -1.60 -2.18 -4.38
C GLY A 430 -2.07 -1.52 -5.66
N PHE A 431 -2.29 -2.28 -6.73
CA PHE A 431 -2.62 -1.69 -8.03
C PHE A 431 -3.77 -2.45 -8.65
N PRO A 432 -4.97 -2.28 -8.12
CA PRO A 432 -6.11 -3.05 -8.62
C PRO A 432 -6.44 -2.69 -10.06
N ASN A 433 -7.17 -3.59 -10.72
CA ASN A 433 -7.71 -3.39 -12.06
C ASN A 433 -6.67 -2.94 -13.06
N MET A 434 -5.40 -3.19 -12.76
CA MET A 434 -4.31 -2.85 -13.66
C MET A 434 -3.58 -4.13 -14.04
N LEU A 435 -3.39 -4.33 -15.34
CA LEU A 435 -2.70 -5.50 -15.88
C LEU A 435 -1.69 -5.02 -16.91
N PHE A 436 -0.52 -5.65 -16.93
CA PHE A 436 0.48 -5.33 -17.94
C PHE A 436 0.85 -6.58 -18.74
N LEU A 437 1.03 -6.38 -20.05
CA LEU A 437 1.50 -7.39 -20.98
C LEU A 437 3.00 -7.19 -21.19
N TYR A 438 3.70 -8.29 -21.43
CA TYR A 438 5.16 -8.24 -21.61
C TYR A 438 5.82 -7.49 -20.46
N GLY A 439 5.36 -7.79 -19.24
CA GLY A 439 5.84 -7.10 -18.07
C GLY A 439 6.92 -7.88 -17.36
N PRO A 440 7.46 -7.30 -16.30
CA PRO A 440 8.51 -7.97 -15.56
C PRO A 440 8.01 -9.28 -14.95
N GLN A 441 8.91 -10.28 -14.89
CA GLN A 441 8.65 -11.64 -14.40
C GLN A 441 7.61 -12.40 -15.22
N SER A 442 7.51 -12.05 -16.50
CA SER A 442 6.84 -12.80 -17.55
C SER A 442 7.88 -13.09 -18.63
N PRO A 443 7.59 -14.02 -19.56
CA PRO A 443 8.65 -14.45 -20.51
C PRO A 443 9.34 -13.31 -21.24
N SER A 444 8.58 -12.29 -21.66
CA SER A 444 9.06 -11.05 -22.29
C SER A 444 10.34 -11.21 -23.11
N GLY A 445 11.49 -10.73 -22.61
CA GLY A 445 12.73 -10.83 -23.37
C GLY A 445 13.06 -12.21 -23.92
N PHE A 446 12.60 -13.27 -23.25
CA PHE A 446 12.79 -14.63 -23.77
C PHE A 446 11.66 -15.09 -24.67
N CYS A 447 10.88 -14.18 -25.20
CA CYS A 447 9.69 -14.58 -25.91
C CYS A 447 9.62 -13.91 -27.27
N ASN A 448 9.00 -14.61 -28.22
CA ASN A 448 8.59 -14.02 -29.49
C ASN A 448 7.36 -13.13 -29.28
N GLY A 449 7.49 -11.85 -29.59
CA GLY A 449 6.49 -10.84 -29.31
C GLY A 449 5.05 -11.21 -29.61
N PRO A 450 4.73 -11.46 -30.88
CA PRO A 450 3.35 -11.83 -31.22
C PRO A 450 2.90 -13.13 -30.59
N THR A 451 3.83 -14.05 -30.27
CA THR A 451 3.45 -15.27 -29.58
C THR A 451 3.03 -14.99 -28.14
N CYS A 452 3.79 -14.15 -27.43
CA CYS A 452 3.35 -13.83 -26.08
C CYS A 452 2.17 -12.88 -26.07
N ALA A 453 2.09 -11.98 -27.05
CA ALA A 453 0.93 -11.10 -27.16
C ALA A 453 -0.36 -11.92 -27.27
N GLU A 454 -0.36 -12.96 -28.11
CA GLU A 454 -1.56 -13.78 -28.29
C GLU A 454 -1.85 -14.60 -27.04
N MET A 455 -0.82 -15.24 -26.45
CA MET A 455 -1.06 -16.14 -25.32
C MET A 455 -1.36 -15.34 -24.04
N GLN A 456 -0.53 -14.36 -23.72
CA GLN A 456 -0.86 -13.44 -22.62
C GLN A 456 -2.16 -12.70 -22.89
N GLY A 457 -2.40 -12.34 -24.16
CA GLY A 457 -3.57 -11.58 -24.49
C GLY A 457 -4.85 -12.31 -24.14
N GLU A 458 -4.93 -13.59 -24.54
CA GLU A 458 -6.11 -14.38 -24.20
C GLU A 458 -6.26 -14.51 -22.69
N TRP A 459 -5.15 -14.55 -21.95
CA TRP A 459 -5.27 -14.62 -20.49
C TRP A 459 -5.96 -13.36 -19.95
N VAL A 460 -5.59 -12.19 -20.46
CA VAL A 460 -6.24 -10.94 -20.04
C VAL A 460 -7.73 -10.94 -20.38
N VAL A 461 -8.07 -11.22 -21.64
CA VAL A 461 -9.47 -11.22 -22.08
C VAL A 461 -10.32 -12.16 -21.23
N ASP A 462 -9.81 -13.38 -21.03
CA ASP A 462 -10.52 -14.34 -20.19
C ASP A 462 -10.73 -13.78 -18.80
N CYS A 463 -9.75 -13.03 -18.30
CA CYS A 463 -9.87 -12.47 -16.95
C CYS A 463 -10.97 -11.41 -16.88
N LEU A 464 -11.02 -10.52 -17.88
CA LEU A 464 -12.08 -9.51 -17.92
C LEU A 464 -13.44 -10.14 -18.15
N LYS A 465 -13.54 -11.11 -19.07
CA LYS A 465 -14.80 -11.85 -19.21
C LYS A 465 -15.20 -12.52 -17.91
N HIS A 466 -14.26 -13.11 -17.17
CA HIS A 466 -14.62 -13.76 -15.91
C HIS A 466 -15.22 -12.75 -14.94
N MET A 467 -14.69 -11.54 -14.91
CA MET A 467 -15.24 -10.53 -14.01
C MET A 467 -16.57 -10.01 -14.53
N ARG A 468 -16.74 -9.88 -15.84
CA ARG A 468 -18.04 -9.52 -16.38
C ARG A 468 -19.09 -10.58 -16.07
N GLU A 469 -18.75 -11.86 -16.28
CA GLU A 469 -19.70 -12.94 -16.05
C GLU A 469 -20.10 -13.05 -14.58
N ASN A 470 -19.23 -12.64 -13.63
CA ASN A 470 -19.51 -12.87 -12.23
C ASN A 470 -19.76 -11.58 -11.45
N ASN A 471 -20.03 -10.48 -12.13
CA ASN A 471 -20.27 -9.19 -11.48
C ASN A 471 -19.16 -8.81 -10.49
N LYS A 472 -17.91 -9.00 -10.89
CA LYS A 472 -16.77 -8.50 -10.13
C LYS A 472 -16.25 -7.22 -10.78
N GLY A 473 -16.11 -6.17 -9.98
CA GLY A 473 -15.58 -4.91 -10.46
C GLY A 473 -14.16 -4.58 -10.02
N ARG A 474 -13.44 -5.49 -9.38
CA ARG A 474 -12.16 -5.19 -8.76
C ARG A 474 -11.33 -6.45 -8.70
N ILE A 475 -10.07 -6.35 -9.13
CA ILE A 475 -9.08 -7.41 -9.00
C ILE A 475 -7.80 -6.81 -8.46
N GLU A 476 -7.24 -7.43 -7.42
CA GLU A 476 -5.95 -7.00 -6.92
C GLU A 476 -5.12 -8.22 -6.52
N ALA A 477 -3.91 -8.32 -7.08
CA ALA A 477 -2.92 -9.25 -6.57
C ALA A 477 -2.72 -9.05 -5.09
N THR A 478 -2.55 -10.16 -4.38
CA THR A 478 -2.26 -10.14 -2.95
C THR A 478 -0.77 -10.18 -2.70
N ALA A 479 -0.36 -9.54 -1.60
CA ALA A 479 1.04 -9.50 -1.23
C ALA A 479 1.64 -10.90 -1.12
N GLN A 480 0.85 -11.89 -0.64
CA GLN A 480 1.41 -13.24 -0.48
C GLN A 480 1.63 -13.91 -1.83
N ALA A 481 0.70 -13.75 -2.76
CA ALA A 481 0.88 -14.32 -4.10
C ALA A 481 2.05 -13.67 -4.81
N GLU A 482 2.22 -12.35 -4.62
CA GLU A 482 3.41 -11.65 -5.08
C GLU A 482 4.68 -12.30 -4.55
N GLU A 483 4.72 -12.56 -3.24
CA GLU A 483 5.91 -13.16 -2.64
C GLU A 483 6.15 -14.57 -3.19
N GLU A 484 5.09 -15.39 -3.23
CA GLU A 484 5.25 -16.75 -3.74
C GLU A 484 5.70 -16.75 -5.20
N TRP A 485 5.15 -15.84 -6.00
CA TRP A 485 5.53 -15.79 -7.40
C TRP A 485 7.04 -15.57 -7.57
N ALA A 486 7.61 -14.63 -6.82
CA ALA A 486 9.06 -14.42 -6.86
C ALA A 486 9.83 -15.69 -6.50
N GLN A 487 9.34 -16.45 -5.51
CA GLN A 487 10.04 -17.69 -5.12
C GLN A 487 10.00 -18.74 -6.23
N LEU A 488 8.93 -18.74 -7.03
CA LEU A 488 8.84 -19.68 -8.14
C LEU A 488 9.82 -19.32 -9.26
N LEU A 489 9.94 -18.02 -9.58
CA LEU A 489 10.93 -17.56 -10.54
C LEU A 489 12.35 -17.95 -10.08
N ASN A 490 12.69 -17.67 -8.83
CA ASN A 490 14.04 -17.95 -8.39
C ASN A 490 14.34 -19.43 -8.38
N SER A 491 13.34 -20.27 -8.10
CA SER A 491 13.55 -21.71 -8.10
C SER A 491 13.69 -22.26 -9.51
N ILE A 492 12.92 -21.73 -10.44
CA ILE A 492 13.06 -22.20 -11.82
C ILE A 492 14.38 -21.72 -12.39
N ALA A 493 14.65 -20.43 -12.28
CA ALA A 493 15.91 -19.88 -12.78
C ALA A 493 17.11 -20.41 -12.00
N GLY A 494 16.92 -20.92 -10.79
CA GLY A 494 18.03 -21.51 -10.05
C GLY A 494 18.50 -22.84 -10.62
N MET A 495 17.66 -23.47 -11.45
CA MET A 495 17.97 -24.70 -12.16
C MET A 495 18.63 -24.45 -13.51
N THR A 496 19.03 -23.22 -13.81
CA THR A 496 19.57 -22.91 -15.12
C THR A 496 20.72 -21.92 -14.99
N LEU A 497 21.37 -21.67 -16.13
CA LEU A 497 22.49 -20.75 -16.21
C LEU A 497 22.09 -19.30 -16.39
N PHE A 498 20.80 -19.02 -16.60
CA PHE A 498 20.36 -17.64 -16.84
C PHE A 498 20.79 -16.65 -15.77
N PRO A 499 20.86 -16.98 -14.48
CA PRO A 499 21.36 -15.99 -13.50
C PRO A 499 22.81 -15.56 -13.70
N ARG A 500 23.53 -16.17 -14.64
CA ARG A 500 24.88 -15.79 -14.99
C ARG A 500 24.93 -14.67 -16.04
N ALA A 501 23.85 -13.92 -16.18
CA ALA A 501 23.78 -12.81 -17.13
C ALA A 501 24.14 -11.47 -16.49
N ASP A 502 24.48 -10.51 -17.35
CA ASP A 502 24.79 -9.13 -16.96
C ASP A 502 23.75 -8.15 -17.50
N LEU A 518 13.55 -9.24 -14.50
CA LEU A 518 13.96 -10.58 -14.90
C LEU A 518 12.92 -11.19 -15.85
N ASN A 519 13.39 -11.99 -16.80
CA ASN A 519 12.53 -12.67 -17.75
C ASN A 519 12.25 -14.08 -17.26
N PHE A 520 10.97 -14.42 -17.09
CA PHE A 520 10.61 -15.78 -16.71
C PHE A 520 11.04 -16.75 -17.81
N PRO A 521 11.90 -17.73 -17.50
CA PRO A 521 12.34 -18.69 -18.52
C PRO A 521 11.32 -19.79 -18.70
N GLY A 522 10.69 -19.84 -19.88
CA GLY A 522 9.76 -20.90 -20.22
C GLY A 522 8.32 -20.45 -20.39
N VAL A 523 7.89 -20.26 -21.64
CA VAL A 523 6.50 -19.84 -21.91
C VAL A 523 5.50 -20.94 -21.54
N PRO A 524 5.70 -22.21 -21.91
CA PRO A 524 4.72 -23.23 -21.45
C PRO A 524 4.63 -23.34 -19.94
N ILE A 525 5.77 -23.43 -19.24
CA ILE A 525 5.75 -23.41 -17.77
C ILE A 525 5.03 -22.17 -17.28
N TYR A 526 5.29 -21.03 -17.91
CA TYR A 526 4.66 -19.78 -17.52
C TYR A 526 3.16 -19.84 -17.69
N MET A 527 2.70 -20.05 -18.94
CA MET A 527 1.27 -20.09 -19.20
C MET A 527 0.57 -21.14 -18.36
N ASP A 528 1.23 -22.26 -18.07
CA ASP A 528 0.56 -23.29 -17.28
C ASP A 528 0.20 -22.78 -15.89
N GLN A 529 1.14 -22.07 -15.23
CA GLN A 529 0.87 -21.44 -13.94
C GLN A 529 -0.24 -20.40 -14.06
N CYS A 530 -0.19 -19.56 -15.10
CA CYS A 530 -1.20 -18.52 -15.27
C CYS A 530 -2.57 -19.11 -15.47
N ASN A 531 -2.70 -20.06 -16.42
CA ASN A 531 -4.01 -20.63 -16.71
C ASN A 531 -4.55 -21.40 -15.53
N THR A 532 -3.66 -21.98 -14.70
CA THR A 532 -4.13 -22.75 -13.55
C THR A 532 -4.58 -21.84 -12.42
N ALA A 533 -3.92 -20.69 -12.22
CA ALA A 533 -4.43 -19.72 -11.27
C ALA A 533 -5.82 -19.26 -11.69
N ALA A 534 -6.02 -19.07 -12.99
CA ALA A 534 -7.33 -18.61 -13.45
C ALA A 534 -8.38 -19.69 -13.26
N ALA A 535 -8.02 -20.97 -13.44
CA ALA A 535 -8.98 -22.06 -13.34
C ALA A 535 -9.50 -22.22 -11.91
N LYS A 536 -8.66 -21.90 -10.92
CA LYS A 536 -9.10 -21.86 -9.54
C LYS A 536 -9.73 -20.53 -9.17
N ASP A 537 -10.36 -19.86 -10.14
CA ASP A 537 -11.04 -18.59 -9.93
C ASP A 537 -10.04 -17.54 -9.43
N TYR A 538 -8.93 -17.42 -10.16
CA TYR A 538 -7.99 -16.31 -9.99
C TYR A 538 -7.43 -16.28 -8.57
N GLU A 539 -6.93 -17.43 -8.12
CA GLU A 539 -6.32 -17.45 -6.81
C GLU A 539 -5.04 -16.63 -6.81
N GLY A 540 -4.78 -15.97 -5.69
CA GLY A 540 -3.77 -14.93 -5.64
C GLY A 540 -4.30 -13.54 -5.91
N PHE A 541 -5.51 -13.41 -6.46
CA PHE A 541 -6.17 -12.11 -6.57
C PHE A 541 -7.37 -12.03 -5.62
N VAL A 542 -7.70 -10.81 -5.21
CA VAL A 542 -8.96 -10.51 -4.54
C VAL A 542 -9.95 -9.99 -5.57
N LEU A 543 -11.13 -10.59 -5.63
CA LEU A 543 -12.19 -10.16 -6.53
C LEU A 543 -13.34 -9.54 -5.75
N ASP A 544 -13.79 -8.38 -6.21
CA ASP A 544 -14.92 -7.67 -5.59
C ASP A 544 -15.80 -7.10 -6.70
N GLU B 16 13.97 -12.78 20.43
CA GLU B 16 12.90 -13.72 20.77
C GLU B 16 11.76 -13.58 19.77
N VAL B 17 10.97 -14.65 19.57
CA VAL B 17 9.80 -14.63 18.71
C VAL B 17 8.58 -15.00 19.55
N PHE B 18 7.53 -14.19 19.45
CA PHE B 18 6.31 -14.38 20.20
C PHE B 18 5.15 -14.56 19.25
N ASP B 19 4.08 -15.19 19.75
CA ASP B 19 2.85 -15.24 18.95
C ASP B 19 2.20 -13.86 18.87
N ALA B 20 2.20 -13.08 19.95
CA ALA B 20 1.65 -11.73 19.94
C ALA B 20 2.44 -10.84 20.87
N LEU B 21 2.76 -9.64 20.40
CA LEU B 21 3.24 -8.55 21.23
C LEU B 21 2.10 -7.56 21.42
N ILE B 22 1.62 -7.45 22.65
CA ILE B 22 0.57 -6.51 23.03
C ILE B 22 1.24 -5.21 23.46
N VAL B 23 0.69 -4.08 23.02
CA VAL B 23 1.16 -2.76 23.42
C VAL B 23 0.08 -2.15 24.32
N GLY B 24 0.41 -1.98 25.60
CA GLY B 24 -0.46 -1.24 26.50
C GLY B 24 -1.03 -2.13 27.59
N ALA B 25 -1.11 -1.59 28.80
CA ALA B 25 -1.53 -2.35 29.98
C ALA B 25 -2.72 -1.70 30.67
N GLY B 26 -3.66 -1.18 29.87
CA GLY B 26 -4.97 -0.81 30.37
C GLY B 26 -5.90 -2.01 30.39
N PHE B 27 -7.20 -1.74 30.42
CA PHE B 27 -8.18 -2.84 30.45
C PHE B 27 -8.01 -3.79 29.25
N ASN B 28 -7.94 -3.24 28.04
CA ASN B 28 -7.81 -4.08 26.84
C ASN B 28 -6.51 -4.88 26.87
N GLY B 29 -5.37 -4.20 27.02
CA GLY B 29 -4.11 -4.91 27.03
C GLY B 29 -4.06 -6.00 28.08
N ILE B 30 -4.50 -5.68 29.30
CA ILE B 30 -4.49 -6.64 30.40
C ILE B 30 -5.43 -7.81 30.08
N TYR B 31 -6.56 -7.53 29.43
CA TYR B 31 -7.50 -8.58 29.05
C TYR B 31 -6.93 -9.44 27.92
N GLN B 32 -6.20 -8.79 27.01
CA GLN B 32 -5.55 -9.48 25.90
C GLN B 32 -4.40 -10.39 26.37
N LEU B 33 -3.68 -9.99 27.42
CA LEU B 33 -2.62 -10.83 27.97
C LEU B 33 -3.20 -12.05 28.66
N HIS B 34 -4.24 -11.85 29.45
CA HIS B 34 -4.81 -12.95 30.21
C HIS B 34 -5.48 -13.95 29.30
N ARG B 35 -6.15 -13.49 28.26
CA ARG B 35 -6.93 -14.40 27.45
C ARG B 35 -6.06 -15.12 26.43
N LEU B 36 -5.11 -14.42 25.81
CA LEU B 36 -4.23 -15.08 24.84
C LEU B 36 -3.29 -16.05 25.53
N ARG B 37 -2.79 -15.69 26.70
CA ARG B 37 -1.98 -16.65 27.46
C ARG B 37 -2.78 -17.88 27.82
N GLN B 38 -4.07 -17.71 28.14
CA GLN B 38 -4.96 -18.82 28.52
C GLN B 38 -5.18 -19.79 27.37
N GLU B 39 -5.24 -19.31 26.13
CA GLU B 39 -5.43 -20.17 24.98
C GLU B 39 -4.11 -20.71 24.44
N GLY B 40 -3.04 -20.62 25.20
CA GLY B 40 -1.82 -21.30 24.85
C GLY B 40 -0.89 -20.55 23.92
N PHE B 41 -1.20 -19.30 23.58
CA PHE B 41 -0.28 -18.52 22.76
C PHE B 41 0.89 -17.98 23.60
N LYS B 42 2.04 -17.80 22.94
CA LYS B 42 3.24 -17.23 23.56
C LYS B 42 3.15 -15.71 23.46
N VAL B 43 2.92 -15.06 24.60
CA VAL B 43 2.49 -13.66 24.67
C VAL B 43 3.47 -12.85 25.51
N ARG B 44 3.63 -11.57 25.14
CA ARG B 44 4.38 -10.57 25.90
C ARG B 44 3.70 -9.21 25.74
N LEU B 45 3.65 -8.44 26.82
CA LEU B 45 3.02 -7.13 26.83
C LEU B 45 4.07 -6.08 27.17
N PHE B 46 4.14 -5.04 26.34
CA PHE B 46 5.03 -3.91 26.52
C PHE B 46 4.23 -2.70 26.97
N GLU B 47 4.64 -2.08 28.08
CA GLU B 47 3.94 -0.92 28.64
C GLU B 47 4.91 0.24 28.83
N ALA B 48 4.47 1.46 28.46
CA ALA B 48 5.34 2.63 28.47
C ALA B 48 5.50 3.25 29.86
N GLY B 49 4.51 3.06 30.74
CA GLY B 49 4.61 3.52 32.10
C GLY B 49 5.42 2.59 32.98
N ALA B 50 5.53 2.97 34.26
CA ALA B 50 6.16 2.12 35.26
C ALA B 50 5.25 1.02 35.79
N ASP B 51 3.94 1.13 35.62
CA ASP B 51 3.00 0.22 36.23
C ASP B 51 1.77 0.06 35.33
N MET B 52 0.94 -0.92 35.66
CA MET B 52 -0.30 -1.17 34.93
C MET B 52 -1.30 -0.05 35.15
N GLY B 53 -2.53 -0.32 34.75
CA GLY B 53 -3.65 0.56 34.97
C GLY B 53 -3.96 1.49 33.83
N GLY B 54 -3.05 1.60 32.88
CA GLY B 54 -3.27 2.41 31.69
C GLY B 54 -3.62 3.84 32.03
N ILE B 55 -4.86 4.21 31.70
CA ILE B 55 -5.27 5.59 31.87
C ILE B 55 -5.20 6.04 33.32
N TRP B 56 -5.20 5.10 34.27
CA TRP B 56 -5.16 5.45 35.70
C TRP B 56 -3.73 5.54 36.24
N TYR B 57 -2.74 5.09 35.47
CA TYR B 57 -1.35 5.37 35.82
C TYR B 57 -0.96 6.80 35.48
N TRP B 58 -1.33 7.27 34.29
CA TRP B 58 -0.86 8.57 33.86
C TRP B 58 -1.66 9.69 34.50
N ASN B 59 -2.97 9.50 34.62
CA ASN B 59 -3.87 10.56 35.07
C ASN B 59 -3.99 10.46 36.58
N CYS B 60 -3.00 11.04 37.27
CA CYS B 60 -2.99 11.08 38.73
C CYS B 60 -3.29 12.48 39.26
N TYR B 61 -4.03 13.31 38.50
CA TYR B 61 -4.31 14.66 38.97
C TYR B 61 -5.41 14.64 40.04
N PRO B 62 -5.44 15.64 40.91
CA PRO B 62 -6.47 15.69 41.94
C PRO B 62 -7.88 15.61 41.37
N GLY B 63 -8.65 14.65 41.89
CA GLY B 63 -10.02 14.44 41.47
C GLY B 63 -10.22 13.50 40.29
N ALA B 64 -9.14 12.91 39.76
CA ALA B 64 -9.25 11.99 38.63
C ALA B 64 -10.12 10.80 38.98
N ARG B 65 -11.25 10.68 38.29
CA ARG B 65 -12.35 9.83 38.71
C ARG B 65 -12.98 9.19 37.47
N VAL B 66 -13.83 8.18 37.69
CA VAL B 66 -14.48 7.46 36.59
C VAL B 66 -15.78 8.15 36.21
N ASP B 67 -16.28 7.85 35.00
CA ASP B 67 -17.64 8.18 34.63
C ASP B 67 -18.54 6.96 34.49
N SER B 68 -17.97 5.75 34.61
CA SER B 68 -18.72 4.51 34.59
C SER B 68 -18.92 4.07 36.03
N HIS B 69 -20.19 3.96 36.44
CA HIS B 69 -20.46 3.61 37.82
C HIS B 69 -20.06 2.16 38.12
N ILE B 70 -20.02 1.85 39.41
CA ILE B 70 -19.74 0.51 39.92
C ILE B 70 -21.01 -0.32 39.75
N PRO B 71 -20.90 -1.62 39.41
CA PRO B 71 -19.71 -2.41 39.06
C PRO B 71 -19.51 -2.60 37.55
N ILE B 72 -19.94 -1.62 36.76
CA ILE B 72 -19.85 -1.68 35.29
C ILE B 72 -18.41 -1.45 34.84
N TYR B 73 -17.66 -0.65 35.59
CA TYR B 73 -16.29 -0.28 35.24
C TYR B 73 -15.30 -1.27 35.86
N GLU B 74 -15.40 -2.52 35.43
CA GLU B 74 -14.49 -3.59 35.85
C GLU B 74 -14.76 -4.85 35.03
N PHE B 75 -13.96 -5.89 35.28
CA PHE B 75 -14.08 -7.15 34.55
C PHE B 75 -15.22 -7.99 35.12
N SER B 76 -15.86 -8.75 34.22
CA SER B 76 -16.97 -9.62 34.58
C SER B 76 -16.52 -11.01 34.99
N ILE B 77 -15.21 -11.28 34.99
CA ILE B 77 -14.68 -12.53 35.51
C ILE B 77 -15.08 -12.71 36.97
N GLU B 78 -15.68 -13.87 37.27
CA GLU B 78 -16.31 -14.09 38.58
C GLU B 78 -15.30 -14.03 39.71
N GLU B 79 -14.08 -14.52 39.48
CA GLU B 79 -13.09 -14.50 40.54
C GLU B 79 -12.58 -13.10 40.86
N LEU B 80 -12.92 -12.09 40.05
CA LEU B 80 -12.45 -10.74 40.32
C LEU B 80 -13.46 -9.94 41.14
N TRP B 81 -14.70 -9.84 40.66
CA TRP B 81 -15.67 -9.02 41.38
C TRP B 81 -16.22 -9.69 42.63
N ARG B 82 -16.02 -11.00 42.81
CA ARG B 82 -16.56 -11.67 43.98
C ARG B 82 -15.87 -11.19 45.25
N ASP B 83 -14.55 -11.06 45.23
CA ASP B 83 -13.79 -10.68 46.41
C ASP B 83 -13.39 -9.21 46.44
N TRP B 84 -13.82 -8.42 45.46
CA TRP B 84 -13.45 -7.02 45.41
C TRP B 84 -14.65 -6.13 45.75
N ASN B 85 -14.43 -5.12 46.61
CA ASN B 85 -15.43 -4.13 46.97
C ASN B 85 -14.86 -2.72 46.80
N TRP B 86 -15.69 -1.78 46.34
CA TRP B 86 -15.26 -0.42 46.09
C TRP B 86 -15.62 0.49 47.26
N THR B 87 -14.90 1.61 47.36
CA THR B 87 -15.20 2.64 48.35
C THR B 87 -16.50 3.35 48.04
N GLU B 88 -16.61 3.85 46.82
CA GLU B 88 -17.67 4.76 46.41
C GLU B 88 -18.13 4.35 45.02
N ARG B 89 -19.25 4.94 44.60
CA ARG B 89 -19.86 4.53 43.33
C ARG B 89 -19.01 4.94 42.14
N PHE B 90 -18.23 6.02 42.28
CA PHE B 90 -17.40 6.55 41.19
C PHE B 90 -15.97 6.66 41.68
N PRO B 91 -15.25 5.55 41.75
CA PRO B 91 -13.97 5.55 42.47
C PRO B 91 -12.96 6.45 41.78
N ALA B 92 -11.93 6.81 42.55
CA ALA B 92 -10.89 7.70 42.06
C ALA B 92 -9.73 6.91 41.48
N TRP B 93 -8.86 7.64 40.75
CA TRP B 93 -7.71 7.02 40.10
C TRP B 93 -6.94 6.12 41.06
N ASP B 94 -6.76 6.55 42.31
CA ASP B 94 -5.92 5.79 43.21
C ASP B 94 -6.58 4.47 43.59
N GLU B 95 -7.90 4.45 43.69
CA GLU B 95 -8.58 3.18 43.98
C GLU B 95 -8.53 2.25 42.77
N LEU B 96 -8.59 2.79 41.55
CA LEU B 96 -8.50 1.94 40.36
C LEU B 96 -7.11 1.30 40.24
N ARG B 97 -6.06 1.99 40.67
CA ARG B 97 -4.76 1.33 40.70
C ARG B 97 -4.76 0.11 41.61
N ARG B 98 -5.34 0.24 42.82
CA ARG B 98 -5.49 -0.92 43.70
C ARG B 98 -6.30 -2.02 43.04
N TYR B 99 -7.26 -1.65 42.18
CA TYR B 99 -8.04 -2.67 41.50
C TYR B 99 -7.19 -3.41 40.48
N PHE B 100 -6.30 -2.69 39.80
CA PHE B 100 -5.46 -3.36 38.80
C PHE B 100 -4.44 -4.25 39.47
N HIS B 101 -3.91 -3.83 40.62
CA HIS B 101 -2.96 -4.66 41.33
C HIS B 101 -3.65 -5.87 41.94
N TYR B 102 -4.87 -5.71 42.43
CA TYR B 102 -5.68 -6.85 42.83
C TYR B 102 -5.86 -7.82 41.67
N VAL B 103 -6.24 -7.31 40.50
CA VAL B 103 -6.35 -8.16 39.32
C VAL B 103 -5.00 -8.79 38.99
N ASP B 104 -3.92 -8.00 39.07
CA ASP B 104 -2.58 -8.50 38.83
C ASP B 104 -2.25 -9.68 39.74
N LYS B 105 -2.55 -9.57 41.03
CA LYS B 105 -2.28 -10.68 41.96
C LYS B 105 -3.09 -11.91 41.59
N LYS B 106 -4.35 -11.71 41.18
CA LYS B 106 -5.25 -12.81 40.94
C LYS B 106 -4.95 -13.51 39.62
N LEU B 107 -4.43 -12.78 38.62
CA LEU B 107 -4.21 -13.31 37.28
C LEU B 107 -2.74 -13.54 36.93
N ASP B 108 -1.81 -13.07 37.76
CA ASP B 108 -0.38 -13.30 37.59
C ASP B 108 0.10 -12.74 36.25
N LEU B 109 -0.10 -11.43 36.09
CA LEU B 109 0.07 -10.79 34.79
C LEU B 109 1.45 -10.19 34.59
N SER B 110 2.01 -9.56 35.63
CA SER B 110 3.28 -8.83 35.51
C SER B 110 4.42 -9.69 34.99
N ARG B 111 4.39 -10.99 35.24
CA ARG B 111 5.45 -11.87 34.76
C ARG B 111 5.65 -11.76 33.26
N ASP B 112 4.60 -11.42 32.51
CA ASP B 112 4.72 -11.31 31.07
C ASP B 112 4.57 -9.89 30.60
N ILE B 113 4.73 -8.92 31.50
CA ILE B 113 4.72 -7.51 31.17
C ILE B 113 6.13 -6.97 31.35
N ARG B 114 6.59 -6.20 30.36
CA ARG B 114 7.84 -5.43 30.42
C ARG B 114 7.46 -3.95 30.49
N PHE B 115 7.48 -3.39 31.71
CA PHE B 115 7.17 -1.98 31.91
C PHE B 115 8.32 -1.07 31.46
N GLY B 116 7.97 0.19 31.20
CA GLY B 116 8.96 1.14 30.71
C GLY B 116 9.34 0.97 29.26
N MET B 117 8.80 -0.02 28.57
CA MET B 117 9.05 -0.20 27.15
C MET B 117 8.07 0.67 26.37
N ARG B 118 8.59 1.67 25.67
CA ARG B 118 7.78 2.49 24.78
C ARG B 118 8.02 2.03 23.35
N VAL B 119 7.04 1.33 22.78
CA VAL B 119 7.17 0.82 21.42
C VAL B 119 7.16 1.98 20.46
N SER B 120 8.20 2.07 19.62
CA SER B 120 8.45 3.29 18.86
C SER B 120 8.47 3.10 17.34
N ALA B 121 8.61 1.89 16.83
CA ALA B 121 8.53 1.67 15.39
C ALA B 121 8.28 0.19 15.14
N ALA B 122 7.79 -0.10 13.95
CA ALA B 122 7.36 -1.44 13.59
C ALA B 122 7.48 -1.60 12.08
N GLU B 123 7.79 -2.83 11.67
CA GLU B 123 8.07 -3.16 10.29
C GLU B 123 7.61 -4.60 10.10
N PHE B 124 6.99 -4.91 8.95
CA PHE B 124 6.44 -6.26 8.73
C PHE B 124 7.35 -7.11 7.85
N ASP B 125 7.78 -8.26 8.37
CA ASP B 125 8.59 -9.23 7.63
C ASP B 125 7.66 -10.08 6.77
N GLU B 126 7.67 -9.88 5.45
CA GLU B 126 6.74 -10.68 4.66
C GLU B 126 7.20 -12.12 4.53
N ALA B 127 8.51 -12.32 4.41
CA ALA B 127 9.06 -13.68 4.28
C ALA B 127 8.64 -14.58 5.45
N ARG B 128 8.63 -14.03 6.66
CA ARG B 128 8.33 -14.82 7.86
C ARG B 128 6.92 -14.57 8.38
N ASP B 129 6.18 -13.63 7.79
CA ASP B 129 4.83 -13.29 8.23
C ASP B 129 4.81 -12.95 9.72
N GLN B 130 5.70 -12.03 10.11
CA GLN B 130 5.74 -11.60 11.50
C GLN B 130 6.17 -10.15 11.53
N TRP B 131 5.93 -9.49 12.66
CA TRP B 131 6.32 -8.11 12.86
C TRP B 131 7.65 -7.98 13.60
N VAL B 132 8.48 -7.05 13.14
CA VAL B 132 9.68 -6.63 13.85
C VAL B 132 9.36 -5.34 14.59
N ILE B 133 9.47 -5.36 15.91
CA ILE B 133 8.99 -4.27 16.75
C ILE B 133 10.14 -3.72 17.59
N ARG B 134 10.30 -2.39 17.59
CA ARG B 134 11.37 -1.70 18.30
C ARG B 134 10.81 -0.72 19.34
N THR B 135 11.46 -0.65 20.49
CA THR B 135 11.12 0.31 21.52
C THR B 135 12.09 1.49 21.50
N THR B 136 11.83 2.48 22.36
CA THR B 136 12.69 3.65 22.38
C THR B 136 14.05 3.35 23.00
N ASP B 137 14.08 2.45 23.99
CA ASP B 137 15.36 2.10 24.61
C ASP B 137 16.27 1.34 23.65
N GLY B 138 15.71 0.70 22.63
CA GLY B 138 16.47 0.03 21.60
C GLY B 138 16.22 -1.46 21.45
N THR B 139 15.52 -2.09 22.40
CA THR B 139 15.18 -3.51 22.30
C THR B 139 14.37 -3.77 21.03
N VAL B 140 14.49 -4.99 20.49
CA VAL B 140 13.77 -5.42 19.31
C VAL B 140 13.19 -6.80 19.57
N VAL B 141 11.98 -7.05 19.09
CA VAL B 141 11.28 -8.30 19.35
C VAL B 141 10.44 -8.68 18.13
N ARG B 142 10.24 -9.98 17.93
CA ARG B 142 9.44 -10.53 16.82
C ARG B 142 8.10 -11.00 17.34
N ALA B 143 7.03 -10.63 16.65
CA ALA B 143 5.73 -11.18 16.99
C ALA B 143 4.91 -11.39 15.73
N ARG B 144 4.24 -12.54 15.66
CA ARG B 144 3.40 -12.84 14.49
C ARG B 144 2.23 -11.88 14.40
N PHE B 145 1.67 -11.52 15.56
CA PHE B 145 0.60 -10.55 15.64
C PHE B 145 1.02 -9.41 16.55
N PHE B 146 0.50 -8.23 16.24
CA PHE B 146 0.88 -6.95 16.82
C PHE B 146 -0.42 -6.41 17.37
N ILE B 147 -0.68 -6.61 18.66
CA ILE B 147 -1.97 -6.27 19.23
C ILE B 147 -1.84 -4.94 19.94
N LEU B 148 -2.51 -3.91 19.43
CA LEU B 148 -2.33 -2.55 19.91
C LEU B 148 -3.50 -2.17 20.82
N CYS B 149 -3.18 -1.83 22.06
CA CYS B 149 -4.18 -1.43 23.04
C CYS B 149 -3.75 -0.12 23.67
N THR B 150 -3.66 0.93 22.85
CA THR B 150 -3.15 2.20 23.33
C THR B 150 -4.25 3.15 23.80
N GLY B 151 -5.51 2.68 23.83
CA GLY B 151 -6.64 3.48 24.26
C GLY B 151 -6.84 4.85 23.58
N PHE B 152 -7.68 5.64 24.24
CA PHE B 152 -8.15 6.92 23.72
C PHE B 152 -7.24 8.09 24.05
N ALA B 153 -6.41 7.99 25.10
CA ALA B 153 -5.71 9.16 25.61
C ALA B 153 -4.20 8.97 25.67
N SER B 154 -3.62 8.44 24.60
CA SER B 154 -2.18 8.20 24.56
C SER B 154 -1.40 9.50 24.35
N LYS B 155 -1.89 10.42 23.51
CA LYS B 155 -1.16 11.64 23.18
C LYS B 155 -1.86 12.92 23.64
N PRO B 156 -1.31 13.63 24.63
CA PRO B 156 -1.96 14.87 25.07
C PRO B 156 -1.89 15.96 24.01
N TYR B 157 -2.98 16.71 23.87
CA TYR B 157 -3.00 17.85 22.97
C TYR B 157 -2.58 19.10 23.73
N ILE B 158 -1.55 19.78 23.23
CA ILE B 158 -1.00 20.99 23.81
C ILE B 158 -1.22 22.14 22.81
N PRO B 159 -2.07 23.11 23.12
CA PRO B 159 -2.34 24.18 22.14
C PRO B 159 -1.06 24.96 21.84
N ASN B 160 -1.04 25.57 20.65
CA ASN B 160 0.12 26.30 20.14
C ASN B 160 0.14 27.78 20.58
N TYR B 161 0.01 28.05 21.88
CA TYR B 161 0.04 29.42 22.38
C TYR B 161 1.48 29.91 22.37
N LYS B 162 1.74 31.01 21.67
CA LYS B 162 3.13 31.45 21.62
C LYS B 162 3.57 31.92 23.00
N GLY B 163 4.76 31.49 23.40
CA GLY B 163 5.25 31.76 24.72
C GLY B 163 4.77 30.82 25.81
N LEU B 164 4.25 29.65 25.43
CA LEU B 164 3.81 28.65 26.41
C LEU B 164 4.97 28.19 27.27
N GLU B 165 6.11 27.83 26.65
CA GLU B 165 7.28 27.40 27.39
C GLU B 165 7.86 28.52 28.24
N SER B 166 7.47 29.75 27.99
CA SER B 166 8.00 30.87 28.75
C SER B 166 7.34 31.05 30.11
N PHE B 167 6.33 30.28 30.46
CA PHE B 167 5.59 30.58 31.68
C PHE B 167 6.44 30.19 32.89
N ALA B 168 6.83 31.18 33.69
CA ALA B 168 7.39 30.85 34.98
C ALA B 168 6.28 30.33 35.88
N GLY B 169 6.65 29.48 36.84
CA GLY B 169 5.64 28.77 37.59
C GLY B 169 5.39 27.40 37.00
N GLU B 170 4.65 26.59 37.74
CA GLU B 170 4.53 25.20 37.34
C GLU B 170 3.38 25.02 36.37
N SER B 171 3.58 24.17 35.37
CA SER B 171 2.48 23.91 34.46
C SER B 171 2.62 22.50 33.90
N PHE B 172 1.48 21.86 33.70
CA PHE B 172 1.45 20.54 33.11
C PHE B 172 0.06 20.30 32.52
N HIS B 173 0.00 19.29 31.65
CA HIS B 173 -1.24 18.76 31.12
C HIS B 173 -1.84 17.79 32.14
N THR B 174 -3.17 17.74 32.20
CA THR B 174 -3.76 16.83 33.19
C THR B 174 -3.36 15.38 32.92
N GLY B 175 -3.02 15.04 31.68
CA GLY B 175 -2.53 13.72 31.34
C GLY B 175 -1.08 13.46 31.70
N LEU B 176 -0.30 14.50 32.03
CA LEU B 176 1.09 14.37 32.45
C LEU B 176 1.31 14.95 33.84
N TRP B 177 0.37 14.68 34.74
CA TRP B 177 0.42 15.28 36.06
C TRP B 177 1.59 14.67 36.84
N PRO B 178 2.30 15.46 37.64
CA PRO B 178 3.47 14.93 38.34
C PRO B 178 3.10 13.75 39.23
N GLN B 179 3.87 12.67 39.11
CA GLN B 179 3.61 11.46 39.88
C GLN B 179 3.78 11.71 41.38
N GLU B 180 4.61 12.68 41.76
CA GLU B 180 4.85 13.03 43.17
C GLU B 180 3.81 14.00 43.74
N GLY B 181 2.98 14.61 42.91
CA GLY B 181 1.89 15.44 43.37
C GLY B 181 2.18 16.92 43.20
N ALA B 182 1.14 17.72 43.42
CA ALA B 182 1.24 19.17 43.44
C ALA B 182 0.00 19.69 44.14
N SER B 183 0.17 20.67 45.02
CA SER B 183 -0.97 21.24 45.75
C SER B 183 -1.42 22.54 45.11
N PHE B 184 -2.72 22.86 45.26
CA PHE B 184 -3.26 24.13 44.79
C PHE B 184 -3.25 25.22 45.86
N THR B 185 -3.08 24.82 47.11
CA THR B 185 -3.35 25.67 48.26
C THR B 185 -2.65 27.03 48.15
N GLY B 186 -3.43 28.10 48.36
CA GLY B 186 -2.88 29.44 48.39
C GLY B 186 -2.23 29.92 47.11
N LYS B 187 -2.45 29.23 46.00
CA LYS B 187 -1.87 29.63 44.73
C LYS B 187 -2.96 30.18 43.83
N ARG B 188 -2.55 31.02 42.87
CA ARG B 188 -3.41 31.44 41.77
C ARG B 188 -3.23 30.42 40.65
N VAL B 189 -4.26 29.61 40.42
CA VAL B 189 -4.21 28.57 39.40
C VAL B 189 -5.10 28.99 38.22
N GLY B 190 -4.63 28.70 37.01
CA GLY B 190 -5.43 28.79 35.80
C GLY B 190 -5.61 27.44 35.15
N VAL B 191 -6.82 27.18 34.64
CA VAL B 191 -7.16 25.93 33.95
C VAL B 191 -7.68 26.27 32.57
N VAL B 192 -7.08 25.68 31.55
CA VAL B 192 -7.41 25.94 30.15
C VAL B 192 -8.08 24.69 29.59
N GLY B 193 -9.25 24.86 29.01
CA GLY B 193 -10.08 23.77 28.55
C GLY B 193 -10.99 23.25 29.67
N THR B 194 -12.21 22.84 29.31
CA THR B 194 -13.18 22.36 30.31
C THR B 194 -13.62 20.94 30.02
N GLY B 195 -12.69 20.06 29.74
CA GLY B 195 -13.01 18.67 29.46
C GLY B 195 -13.49 17.95 30.71
N ALA B 196 -13.61 16.62 30.57
CA ALA B 196 -14.00 15.84 31.74
C ALA B 196 -12.96 15.97 32.84
N SER B 197 -11.69 16.07 32.46
CA SER B 197 -10.64 16.29 33.46
C SER B 197 -10.66 17.71 34.00
N GLY B 198 -10.93 18.69 33.13
CA GLY B 198 -10.95 20.08 33.58
C GLY B 198 -12.02 20.34 34.61
N VAL B 199 -13.13 19.60 34.54
CA VAL B 199 -14.18 19.70 35.55
C VAL B 199 -13.69 19.13 36.87
N GLN B 200 -12.90 18.07 36.82
CA GLN B 200 -12.40 17.45 38.04
C GLN B 200 -11.34 18.30 38.72
N VAL B 201 -10.40 18.84 37.92
CA VAL B 201 -9.37 19.71 38.47
C VAL B 201 -9.97 20.98 39.04
N VAL B 202 -10.95 21.56 38.33
CA VAL B 202 -11.58 22.79 38.79
C VAL B 202 -12.27 22.56 40.13
N GLN B 203 -12.80 21.37 40.34
CA GLN B 203 -13.42 21.07 41.61
C GLN B 203 -12.41 21.12 42.74
N GLU B 204 -11.28 20.42 42.60
CA GLU B 204 -10.31 20.38 43.69
C GLU B 204 -9.68 21.75 43.94
N ALA B 205 -9.24 22.43 42.88
CA ALA B 205 -8.53 23.68 43.08
C ALA B 205 -9.44 24.74 43.69
N SER B 206 -10.75 24.67 43.43
CA SER B 206 -11.65 25.72 43.89
C SER B 206 -11.74 25.79 45.41
N LYS B 207 -11.57 24.66 46.09
CA LYS B 207 -11.68 24.66 47.53
C LYS B 207 -10.36 24.89 48.25
N ASP B 208 -9.30 25.14 47.50
CA ASP B 208 -7.94 25.19 48.04
C ASP B 208 -7.12 26.39 47.55
N ALA B 209 -7.38 26.94 46.36
CA ALA B 209 -6.44 27.86 45.74
C ALA B 209 -6.72 29.29 46.16
N ALA B 210 -5.71 30.15 45.95
CA ALA B 210 -5.91 31.57 46.22
C ALA B 210 -6.85 32.20 45.20
N HIS B 211 -6.71 31.83 43.93
CA HIS B 211 -7.65 32.22 42.90
C HIS B 211 -7.62 31.21 41.76
N LEU B 212 -8.80 30.90 41.23
CA LEU B 212 -8.99 29.94 40.14
C LEU B 212 -9.65 30.66 38.98
N THR B 213 -8.95 30.72 37.84
CA THR B 213 -9.55 31.21 36.61
C THR B 213 -9.68 30.04 35.64
N VAL B 214 -10.89 29.84 35.13
CA VAL B 214 -11.18 28.77 34.17
C VAL B 214 -11.35 29.40 32.79
N PHE B 215 -10.53 28.96 31.85
CA PHE B 215 -10.59 29.44 30.47
C PHE B 215 -11.44 28.45 29.69
N GLN B 216 -12.53 28.94 29.10
CA GLN B 216 -13.51 28.07 28.46
C GLN B 216 -13.70 28.44 27.00
N ARG B 217 -13.65 27.44 26.11
CA ARG B 217 -14.02 27.66 24.71
C ARG B 217 -15.53 27.50 24.50
N THR B 218 -16.11 26.39 24.90
CA THR B 218 -17.55 26.18 24.90
C THR B 218 -17.95 25.47 26.19
N PRO B 219 -19.13 25.76 26.72
CA PRO B 219 -19.53 25.10 27.97
C PRO B 219 -19.80 23.62 27.73
N ILE B 220 -19.30 22.81 28.64
CA ILE B 220 -19.61 21.39 28.65
C ILE B 220 -20.97 21.20 29.31
N LEU B 221 -21.62 20.10 28.98
CA LEU B 221 -22.94 19.80 29.55
C LEU B 221 -22.68 18.77 30.66
N ALA B 222 -22.20 19.28 31.79
CA ALA B 222 -21.92 18.42 32.92
C ALA B 222 -23.22 17.91 33.50
N LEU B 223 -23.34 16.55 33.57
CA LEU B 223 -24.43 15.80 34.16
C LEU B 223 -24.11 15.48 35.61
N PRO B 224 -25.13 15.43 36.48
CA PRO B 224 -24.86 15.15 37.89
C PRO B 224 -24.28 13.76 38.09
N MET B 225 -23.15 13.70 38.80
CA MET B 225 -22.57 12.40 39.11
C MET B 225 -23.47 11.63 40.05
N GLN B 226 -24.00 12.31 41.06
CA GLN B 226 -24.78 11.65 42.11
C GLN B 226 -23.91 10.61 42.81
N GLN B 227 -22.72 11.05 43.21
CA GLN B 227 -21.80 10.22 43.98
C GLN B 227 -22.45 9.68 45.24
N ARG B 228 -22.08 8.46 45.63
CA ARG B 228 -22.52 7.87 46.89
C ARG B 228 -21.39 7.03 47.46
N LYS B 229 -21.36 6.93 48.78
CA LYS B 229 -20.43 6.05 49.48
C LYS B 229 -20.97 4.62 49.48
N LEU B 230 -20.06 3.67 49.54
CA LEU B 230 -20.39 2.25 49.55
C LEU B 230 -19.72 1.56 50.73
N ASP B 231 -20.44 0.62 51.34
CA ASP B 231 -19.89 -0.22 52.38
C ASP B 231 -19.89 -1.66 51.88
N VAL B 232 -19.05 -2.48 52.50
CA VAL B 232 -18.86 -3.86 52.06
C VAL B 232 -20.17 -4.65 52.19
N GLU B 233 -20.91 -4.41 53.28
CA GLU B 233 -22.15 -5.14 53.51
C GLU B 233 -23.12 -4.97 52.34
N THR B 234 -23.41 -3.72 51.95
CA THR B 234 -24.43 -3.44 50.95
C THR B 234 -24.02 -3.91 49.55
N GLN B 235 -22.70 -3.89 49.25
CA GLN B 235 -22.23 -4.45 47.98
C GLN B 235 -22.41 -5.95 47.94
N GLN B 236 -22.14 -6.63 49.06
CA GLN B 236 -22.37 -8.08 49.10
C GLN B 236 -23.82 -8.42 48.84
N ARG B 237 -24.74 -7.53 49.21
CA ARG B 237 -26.16 -7.77 48.92
C ARG B 237 -26.39 -7.84 47.43
N MET B 238 -25.83 -6.88 46.69
CA MET B 238 -26.13 -6.78 45.28
C MET B 238 -25.27 -7.69 44.41
N LYS B 239 -24.27 -8.38 44.99
CA LYS B 239 -23.45 -9.26 44.18
C LYS B 239 -24.17 -10.52 43.70
N ALA B 240 -25.34 -10.85 44.29
CA ALA B 240 -26.13 -11.93 43.75
C ALA B 240 -26.70 -11.60 42.38
N ASP B 241 -26.87 -10.30 42.08
CA ASP B 241 -27.42 -9.83 40.82
C ASP B 241 -26.36 -9.32 39.85
N TYR B 242 -25.08 -9.39 40.22
CA TYR B 242 -24.01 -8.94 39.32
C TYR B 242 -23.99 -9.73 38.01
N PRO B 243 -24.07 -11.06 38.00
CA PRO B 243 -24.12 -11.76 36.70
C PRO B 243 -25.24 -11.27 35.79
N GLU B 244 -26.35 -10.76 36.34
CA GLU B 244 -27.40 -10.15 35.50
C GLU B 244 -26.95 -8.81 34.95
N ILE B 245 -26.24 -8.04 35.76
CA ILE B 245 -25.72 -6.75 35.29
C ILE B 245 -24.74 -6.95 34.15
N PHE B 246 -23.89 -8.00 34.24
CA PHE B 246 -22.83 -8.15 33.25
C PHE B 246 -23.37 -8.67 31.92
N ARG B 247 -24.51 -9.36 31.94
CA ARG B 247 -25.06 -9.80 30.67
C ARG B 247 -25.97 -8.77 30.05
N ILE B 248 -26.48 -7.83 30.86
CA ILE B 248 -27.25 -6.70 30.35
C ILE B 248 -26.34 -5.67 29.70
N ARG B 249 -25.21 -5.34 30.36
CA ARG B 249 -24.30 -4.33 29.84
C ARG B 249 -23.80 -4.71 28.44
N ARG B 250 -23.77 -5.99 28.13
CA ARG B 250 -23.31 -6.43 26.83
C ARG B 250 -24.33 -6.19 25.74
N GLU B 251 -25.54 -5.79 26.09
CA GLU B 251 -26.63 -5.69 25.11
C GLU B 251 -27.20 -4.29 25.01
N THR B 252 -26.53 -3.29 25.53
CA THR B 252 -27.02 -1.92 25.47
C THR B 252 -26.16 -1.08 24.52
N PHE B 253 -26.52 0.20 24.41
CA PHE B 253 -25.93 1.08 23.40
C PHE B 253 -24.44 1.26 23.63
N GLY B 254 -24.05 1.63 24.84
CA GLY B 254 -22.66 1.93 25.16
C GLY B 254 -22.00 0.97 26.11
N GLY B 255 -22.59 -0.22 26.28
CA GLY B 255 -22.02 -1.20 27.19
C GLY B 255 -22.25 -0.94 28.66
N PHE B 256 -23.26 -0.17 29.02
CA PHE B 256 -23.66 0.08 30.38
C PHE B 256 -24.90 -0.75 30.70
N ASP B 257 -25.20 -0.88 31.98
CA ASP B 257 -26.46 -1.49 32.42
C ASP B 257 -27.62 -0.49 32.41
N ILE B 258 -27.61 0.47 31.49
CA ILE B 258 -28.63 1.50 31.40
C ILE B 258 -29.60 1.10 30.29
N LEU B 259 -30.89 1.00 30.62
CA LEU B 259 -31.90 0.67 29.64
C LEU B 259 -32.55 1.94 29.11
N ARG B 260 -32.40 2.18 27.80
CA ARG B 260 -33.09 3.28 27.16
C ARG B 260 -34.59 3.13 27.32
N ASP B 261 -35.31 4.26 27.20
CA ASP B 261 -36.77 4.27 27.13
C ASP B 261 -37.18 4.15 25.66
N GLU B 262 -37.96 3.11 25.34
CA GLU B 262 -38.26 2.82 23.94
C GLU B 262 -39.28 3.78 23.36
N ARG B 263 -40.05 4.45 24.22
CA ARG B 263 -41.04 5.41 23.77
C ARG B 263 -40.36 6.61 23.12
N SER B 264 -41.14 7.36 22.36
CA SER B 264 -40.65 8.62 21.79
C SER B 264 -41.03 9.79 22.69
N ALA B 265 -40.17 10.81 22.68
CA ALA B 265 -40.38 11.98 23.55
C ALA B 265 -41.51 12.86 23.05
N LEU B 266 -41.76 12.88 21.74
CA LEU B 266 -42.86 13.66 21.20
C LEU B 266 -44.22 12.99 21.38
N GLU B 267 -44.25 11.66 21.54
CA GLU B 267 -45.48 10.91 21.72
C GLU B 267 -45.88 10.81 23.18
N VAL B 268 -45.31 11.67 24.02
CA VAL B 268 -45.45 11.57 25.46
C VAL B 268 -45.85 12.96 25.96
N PRO B 269 -46.79 13.08 26.89
CA PRO B 269 -47.17 14.41 27.38
C PRO B 269 -46.04 15.08 28.08
N PRO B 270 -46.01 16.41 28.13
CA PRO B 270 -44.88 17.13 28.76
C PRO B 270 -44.63 16.78 30.21
N GLU B 271 -45.69 16.66 31.02
CA GLU B 271 -45.49 16.31 32.43
C GLU B 271 -44.87 14.92 32.57
N GLU B 272 -45.18 14.01 31.64
CA GLU B 272 -44.59 12.67 31.68
C GLU B 272 -43.11 12.69 31.33
N ARG B 273 -42.68 13.59 30.45
CA ARG B 273 -41.24 13.72 30.18
C ARG B 273 -40.50 14.21 31.41
N CYS B 274 -41.06 15.19 32.12
CA CYS B 274 -40.41 15.67 33.33
C CYS B 274 -40.32 14.57 34.38
N ALA B 275 -41.29 13.65 34.41
CA ALA B 275 -41.25 12.57 35.39
C ALA B 275 -40.11 11.59 35.09
N LEU B 276 -39.91 11.23 33.82
CA LEU B 276 -38.78 10.36 33.50
C LEU B 276 -37.46 11.10 33.62
N TYR B 277 -37.40 12.35 33.14
CA TYR B 277 -36.15 13.12 33.22
C TYR B 277 -35.71 13.31 34.67
N GLU B 278 -36.65 13.63 35.57
CA GLU B 278 -36.29 13.77 36.97
C GLU B 278 -35.86 12.43 37.56
N LYS B 279 -36.51 11.35 37.16
CA LYS B 279 -36.12 10.02 37.61
C LYS B 279 -34.69 9.70 37.20
N LEU B 280 -34.28 10.05 35.97
CA LEU B 280 -32.91 9.83 35.51
C LEU B 280 -31.94 10.85 36.10
N TRP B 281 -32.39 12.08 36.34
CA TRP B 281 -31.56 13.07 37.01
C TRP B 281 -31.24 12.66 38.44
N GLN B 282 -32.03 11.77 39.02
CA GLN B 282 -31.77 11.29 40.38
C GLN B 282 -30.82 10.10 40.40
N LYS B 283 -30.97 9.15 39.49
CA LYS B 283 -29.98 8.09 39.38
C LYS B 283 -28.60 8.65 39.06
N GLY B 284 -28.52 9.85 38.46
CA GLY B 284 -27.23 10.45 38.18
C GLY B 284 -26.47 9.71 37.07
N GLY B 285 -25.22 10.13 36.90
CA GLY B 285 -24.33 9.52 35.93
C GLY B 285 -24.90 9.52 34.52
N PHE B 286 -24.62 8.46 33.78
CA PHE B 286 -25.00 8.37 32.37
C PHE B 286 -26.44 7.91 32.16
N HIS B 287 -27.22 7.72 33.22
CA HIS B 287 -28.66 7.51 33.03
C HIS B 287 -29.30 8.69 32.30
N TYR B 288 -28.95 9.92 32.67
CA TYR B 288 -29.52 11.05 31.98
C TYR B 288 -28.96 11.20 30.57
N TRP B 289 -27.77 10.68 30.31
CA TRP B 289 -27.22 10.76 28.96
C TRP B 289 -27.82 9.71 28.05
N ILE B 290 -27.95 8.48 28.51
CA ILE B 290 -28.20 7.37 27.61
C ILE B 290 -29.47 6.60 27.97
N GLY B 291 -30.17 7.01 29.04
CA GLY B 291 -31.41 6.39 29.45
C GLY B 291 -32.69 7.14 29.13
N GLY B 292 -32.64 8.23 28.36
CA GLY B 292 -33.83 8.90 27.89
C GLY B 292 -34.56 8.12 26.80
N PHE B 293 -35.37 8.85 26.04
CA PHE B 293 -36.26 8.28 25.03
C PHE B 293 -35.48 7.80 23.79
N SER B 294 -36.14 6.96 22.98
CA SER B 294 -35.46 6.33 21.85
C SER B 294 -34.97 7.36 20.82
N ASP B 295 -35.70 8.45 20.62
CA ASP B 295 -35.33 9.41 19.59
C ASP B 295 -34.55 10.59 20.13
N ILE B 296 -34.07 10.51 21.36
CA ILE B 296 -33.32 11.62 21.95
C ILE B 296 -32.11 11.97 21.09
N LEU B 297 -31.45 10.96 20.51
CA LEU B 297 -30.24 11.16 19.73
C LEU B 297 -30.48 11.09 18.23
N THR B 298 -31.75 11.18 17.81
CA THR B 298 -32.10 11.12 16.39
C THR B 298 -33.03 12.23 15.94
N ASN B 299 -33.71 12.93 16.86
CA ASN B 299 -34.61 14.02 16.51
C ASN B 299 -34.26 15.27 17.32
N GLU B 300 -34.15 16.41 16.64
CA GLU B 300 -33.81 17.66 17.31
C GLU B 300 -34.81 17.97 18.41
N GLU B 301 -36.09 18.03 18.07
CA GLU B 301 -37.11 18.47 19.02
C GLU B 301 -37.08 17.61 20.27
N ALA B 302 -37.04 16.28 20.08
CA ALA B 302 -36.91 15.35 21.19
C ALA B 302 -35.64 15.63 21.98
N ASN B 303 -34.54 15.87 21.26
CA ASN B 303 -33.26 16.12 21.90
C ASN B 303 -33.30 17.38 22.74
N ARG B 304 -34.00 18.40 22.24
CA ARG B 304 -34.04 19.70 22.91
C ARG B 304 -34.77 19.63 24.25
N THR B 305 -35.65 18.64 24.43
CA THR B 305 -36.37 18.54 25.70
C THR B 305 -35.43 18.21 26.85
N MET B 306 -34.42 17.37 26.60
CA MET B 306 -33.52 17.03 27.70
C MET B 306 -32.56 18.17 28.02
N TYR B 307 -32.14 18.93 27.02
CA TYR B 307 -31.25 20.05 27.31
C TYR B 307 -31.95 21.07 28.17
N ASP B 308 -33.19 21.41 27.82
CA ASP B 308 -33.95 22.40 28.59
C ASP B 308 -34.11 21.95 30.04
N PHE B 309 -34.39 20.66 30.26
CA PHE B 309 -34.43 20.13 31.62
C PHE B 309 -33.08 20.32 32.30
N TRP B 310 -31.99 19.97 31.60
CA TRP B 310 -30.65 20.11 32.19
C TRP B 310 -30.31 21.58 32.41
N ARG B 311 -30.70 22.44 31.49
CA ARG B 311 -30.38 23.86 31.65
C ARG B 311 -31.17 24.48 32.80
N ASP B 312 -32.46 24.16 32.92
CA ASP B 312 -33.26 24.66 34.03
C ASP B 312 -32.67 24.22 35.38
N LYS B 313 -32.29 22.96 35.48
CA LYS B 313 -31.65 22.49 36.70
C LYS B 313 -30.32 23.17 36.92
N THR B 314 -29.55 23.36 35.86
CA THR B 314 -28.20 23.89 36.01
C THR B 314 -28.21 25.38 36.36
N ARG B 315 -28.97 26.16 35.60
CA ARG B 315 -29.01 27.59 35.88
C ARG B 315 -29.48 27.86 37.31
N ALA B 316 -30.24 26.93 37.90
CA ALA B 316 -30.69 27.11 39.28
C ALA B 316 -29.51 27.23 40.24
N ARG B 317 -28.45 26.44 40.01
CA ARG B 317 -27.31 26.41 40.91
C ARG B 317 -26.37 27.60 40.73
N ILE B 318 -26.52 28.38 39.65
CA ILE B 318 -25.61 29.46 39.30
C ILE B 318 -26.27 30.77 39.70
N LYS B 319 -25.60 31.52 40.58
CA LYS B 319 -26.22 32.70 41.16
C LYS B 319 -26.07 33.93 40.26
N ASN B 320 -24.96 34.04 39.55
CA ASN B 320 -24.79 35.15 38.61
C ASN B 320 -25.48 34.80 37.30
N PRO B 321 -26.49 35.58 36.87
CA PRO B 321 -27.16 35.25 35.60
C PRO B 321 -26.24 35.37 34.39
N ALA B 322 -25.25 36.29 34.41
CA ALA B 322 -24.30 36.37 33.31
C ALA B 322 -23.46 35.11 33.19
N LEU B 323 -22.97 34.60 34.32
CA LEU B 323 -22.26 33.32 34.31
C LEU B 323 -23.16 32.21 33.83
N ALA B 324 -24.44 32.28 34.20
CA ALA B 324 -25.38 31.24 33.81
C ALA B 324 -25.49 31.16 32.29
N ASP B 325 -25.47 32.30 31.61
CA ASP B 325 -25.56 32.31 30.16
C ASP B 325 -24.30 31.75 29.52
N LYS B 326 -23.16 31.88 30.19
CA LYS B 326 -21.93 31.32 29.65
C LYS B 326 -21.81 29.82 29.93
N LEU B 327 -22.28 29.36 31.08
CA LEU B 327 -22.15 27.95 31.47
C LEU B 327 -23.33 27.10 30.98
N ALA B 328 -24.54 27.64 30.98
CA ALA B 328 -25.73 26.92 30.53
C ALA B 328 -26.56 27.84 29.64
N PRO B 329 -26.15 28.02 28.40
CA PRO B 329 -26.83 28.99 27.51
C PRO B 329 -28.27 28.59 27.17
N MET B 330 -29.11 29.63 26.98
CA MET B 330 -30.52 29.39 26.64
C MET B 330 -30.66 28.57 25.36
N GLU B 331 -29.78 28.78 24.38
CA GLU B 331 -29.70 27.97 23.18
C GLU B 331 -28.49 27.06 23.29
N PRO B 332 -28.63 25.74 23.13
CA PRO B 332 -27.50 24.83 23.31
C PRO B 332 -26.45 25.02 22.24
N PRO B 333 -25.17 24.93 22.60
CA PRO B 333 -24.11 25.06 21.59
C PRO B 333 -24.06 23.87 20.63
N HIS B 334 -24.58 22.72 21.05
CA HIS B 334 -24.64 21.52 20.24
C HIS B 334 -25.78 20.67 20.80
N PRO B 335 -26.27 19.70 20.03
CA PRO B 335 -27.30 18.79 20.57
C PRO B 335 -26.83 18.09 21.84
N PHE B 336 -27.75 17.92 22.78
CA PHE B 336 -27.43 17.29 24.06
C PHE B 336 -26.91 15.88 23.83
N GLY B 337 -25.90 15.50 24.60
CA GLY B 337 -25.47 14.11 24.56
C GLY B 337 -24.89 13.68 23.24
N VAL B 338 -24.54 14.64 22.36
CA VAL B 338 -23.94 14.29 21.09
C VAL B 338 -22.48 13.85 21.26
N LYS B 339 -21.84 14.21 22.38
CA LYS B 339 -20.53 13.72 22.81
C LYS B 339 -20.66 13.00 24.15
N ARG B 340 -19.63 12.26 24.53
CA ARG B 340 -19.67 11.65 25.87
C ARG B 340 -19.68 12.73 26.93
N PRO B 341 -20.76 12.89 27.70
CA PRO B 341 -20.81 13.99 28.67
C PRO B 341 -19.82 13.79 29.80
N SER B 342 -19.48 14.91 30.43
CA SER B 342 -18.71 14.92 31.67
C SER B 342 -19.67 14.81 32.85
N LEU B 343 -19.26 14.10 33.88
CA LEU B 343 -20.02 14.09 35.12
C LEU B 343 -19.44 15.11 36.08
N GLU B 344 -20.31 15.68 36.91
CA GLU B 344 -19.90 16.65 37.91
C GLU B 344 -20.58 16.37 39.24
N GLN B 345 -20.01 16.91 40.31
CA GLN B 345 -20.59 16.85 41.64
C GLN B 345 -21.02 18.22 42.13
N TRP B 346 -20.07 19.17 42.26
CA TRP B 346 -20.34 20.54 42.70
C TRP B 346 -19.56 21.52 41.82
N TYR B 347 -19.34 21.15 40.55
CA TYR B 347 -18.60 22.00 39.62
C TYR B 347 -19.28 23.35 39.43
N TYR B 348 -20.61 23.38 39.41
CA TYR B 348 -21.31 24.62 39.07
C TYR B 348 -21.40 25.53 40.27
N GLU B 349 -21.57 24.99 41.48
CA GLU B 349 -21.49 25.80 42.70
C GLU B 349 -20.12 26.45 42.85
N ALA B 350 -19.07 25.81 42.32
CA ALA B 350 -17.72 26.37 42.41
C ALA B 350 -17.67 27.79 41.86
N PHE B 351 -18.43 28.05 40.79
CA PHE B 351 -18.32 29.32 40.08
C PHE B 351 -18.98 30.45 40.85
N ASN B 352 -19.84 30.13 41.81
CA ASN B 352 -20.46 31.15 42.64
C ASN B 352 -19.49 31.77 43.65
N GLN B 353 -18.34 31.13 43.87
CA GLN B 353 -17.38 31.64 44.82
C GLN B 353 -16.70 32.90 44.28
N ASP B 354 -16.24 33.74 45.22
CA ASP B 354 -15.64 35.03 44.90
C ASP B 354 -14.20 34.93 44.42
N ASN B 355 -13.58 33.77 44.55
CA ASN B 355 -12.22 33.53 44.08
C ASN B 355 -12.18 32.62 42.86
N VAL B 356 -13.28 32.51 42.10
CA VAL B 356 -13.35 31.67 40.91
C VAL B 356 -13.86 32.53 39.75
N SER B 357 -12.96 32.83 38.81
CA SER B 357 -13.28 33.60 37.62
C SER B 357 -13.48 32.67 36.42
N LEU B 358 -14.43 33.02 35.56
CA LEU B 358 -14.58 32.36 34.28
C LEU B 358 -14.12 33.28 33.16
N VAL B 359 -13.40 32.72 32.18
CA VAL B 359 -13.02 33.48 30.98
C VAL B 359 -13.47 32.72 29.75
N ASP B 360 -14.36 33.33 28.96
CA ASP B 360 -14.82 32.81 27.68
C ASP B 360 -13.84 33.24 26.59
N VAL B 361 -13.04 32.30 26.09
CA VAL B 361 -12.03 32.58 25.06
C VAL B 361 -12.68 33.04 23.76
N ARG B 362 -13.99 32.87 23.61
CA ARG B 362 -14.67 33.39 22.43
C ARG B 362 -14.76 34.91 22.50
N GLU B 363 -15.17 35.44 23.65
CA GLU B 363 -15.19 36.90 23.85
C GLU B 363 -13.78 37.45 24.05
N MET B 364 -12.96 36.76 24.83
CA MET B 364 -11.66 37.26 25.27
C MET B 364 -10.57 36.27 24.89
N PRO B 365 -10.20 36.20 23.60
CA PRO B 365 -9.26 35.17 23.19
C PRO B 365 -7.90 35.35 23.85
N ILE B 366 -7.21 34.24 24.02
CA ILE B 366 -5.90 34.30 24.65
C ILE B 366 -4.92 34.80 23.60
N VAL B 367 -4.22 35.87 23.93
CA VAL B 367 -3.28 36.51 23.00
C VAL B 367 -1.95 35.79 22.99
N GLU B 368 -1.51 35.35 24.16
CA GLU B 368 -0.10 35.02 24.40
C GLU B 368 0.08 34.51 25.82
N ILE B 369 1.06 33.63 26.03
CA ILE B 369 1.44 33.17 27.35
C ILE B 369 2.72 33.88 27.73
N VAL B 370 2.76 34.40 28.95
CA VAL B 370 3.98 35.09 29.39
C VAL B 370 4.42 34.51 30.73
N PRO B 371 5.67 34.78 31.14
CA PRO B 371 6.13 34.32 32.46
C PRO B 371 5.13 34.52 33.59
N GLU B 372 4.53 35.72 33.69
CA GLU B 372 3.65 36.05 34.79
C GLU B 372 2.28 35.38 34.67
N GLY B 373 1.89 34.86 33.52
CA GLY B 373 0.67 34.13 33.39
C GLY B 373 0.08 34.18 31.97
N VAL B 374 -1.24 34.33 31.92
CA VAL B 374 -1.98 34.23 30.67
C VAL B 374 -2.54 35.58 30.29
N LEU B 375 -2.11 36.09 29.13
CA LEU B 375 -2.59 37.36 28.59
C LEU B 375 -3.73 37.08 27.62
N THR B 376 -4.90 37.66 27.89
CA THR B 376 -6.05 37.59 27.01
C THR B 376 -6.23 38.92 26.29
N SER B 377 -7.34 39.07 25.60
CA SER B 377 -7.59 40.33 24.92
C SER B 377 -8.05 41.46 25.85
N ASP B 378 -8.34 41.20 27.12
CA ASP B 378 -8.62 42.34 27.99
C ASP B 378 -7.80 42.30 29.28
N GLY B 379 -6.60 41.69 29.26
CA GLY B 379 -5.75 41.72 30.43
C GLY B 379 -5.03 40.45 30.81
N LEU B 380 -4.01 40.61 31.68
CA LEU B 380 -3.14 39.52 32.07
C LEU B 380 -3.65 38.84 33.33
N VAL B 381 -3.91 37.54 33.25
CA VAL B 381 -4.24 36.74 34.43
C VAL B 381 -2.93 36.20 35.00
N GLU B 382 -2.53 36.73 36.17
CA GLU B 382 -1.33 36.23 36.82
C GLU B 382 -1.62 34.91 37.52
N LEU B 383 -0.69 33.97 37.39
CA LEU B 383 -0.87 32.59 37.80
C LEU B 383 0.41 32.04 38.43
N ASP B 384 0.22 31.22 39.46
CA ASP B 384 1.27 30.40 40.04
C ASP B 384 1.42 29.06 39.35
N MET B 385 0.32 28.39 39.05
CA MET B 385 0.37 27.22 38.18
C MET B 385 -0.64 27.34 37.05
N LEU B 386 -0.27 26.75 35.91
CA LEU B 386 -1.12 26.76 34.71
C LEU B 386 -1.44 25.31 34.34
N VAL B 387 -2.72 24.91 34.48
CA VAL B 387 -3.13 23.54 34.14
C VAL B 387 -3.70 23.52 32.73
N LEU B 388 -3.17 22.66 31.88
CA LEU B 388 -3.67 22.46 30.53
C LEU B 388 -4.60 21.24 30.54
N ALA B 389 -5.89 21.49 30.69
CA ALA B 389 -6.91 20.46 30.59
C ALA B 389 -7.54 20.46 29.20
N THR B 390 -6.69 20.56 28.18
CA THR B 390 -7.11 20.74 26.79
C THR B 390 -7.37 19.43 26.08
N GLY B 391 -7.44 18.32 26.80
CA GLY B 391 -7.72 17.03 26.18
C GLY B 391 -6.55 16.38 25.46
N PHE B 392 -6.90 15.37 24.68
CA PHE B 392 -5.95 14.56 23.94
C PHE B 392 -6.28 14.60 22.47
N ASP B 393 -5.29 14.27 21.63
CA ASP B 393 -5.57 13.90 20.25
C ASP B 393 -6.53 12.71 20.20
N ALA B 394 -7.16 12.49 19.04
CA ALA B 394 -8.10 11.38 18.92
C ALA B 394 -7.36 10.04 19.02
N VAL B 395 -8.12 8.94 18.90
CA VAL B 395 -7.51 7.61 19.01
C VAL B 395 -6.43 7.41 17.95
N THR B 396 -6.57 8.08 16.81
CA THR B 396 -5.59 7.94 15.74
C THR B 396 -4.23 8.49 16.14
N GLY B 397 -4.21 9.58 16.90
CA GLY B 397 -2.94 10.16 17.32
C GLY B 397 -2.14 9.28 18.26
N GLY B 398 -2.81 8.45 19.04
CA GLY B 398 -2.11 7.55 19.92
C GLY B 398 -1.51 6.36 19.21
N LEU B 399 -2.04 6.02 18.05
CA LEU B 399 -1.50 4.92 17.26
C LEU B 399 -0.48 5.38 16.24
N THR B 400 -0.71 6.52 15.58
CA THR B 400 0.27 7.02 14.62
C THR B 400 1.55 7.54 15.29
N GLN B 401 1.54 7.80 16.60
CA GLN B 401 2.82 8.11 17.27
C GLN B 401 3.86 7.05 17.01
N ILE B 402 3.44 5.78 16.89
CA ILE B 402 4.35 4.68 16.59
C ILE B 402 4.62 4.68 15.09
N ASP B 403 5.88 4.49 14.71
CA ASP B 403 6.25 4.55 13.31
C ASP B 403 6.04 3.16 12.70
N ILE B 404 4.80 2.91 12.26
CA ILE B 404 4.41 1.56 11.84
C ILE B 404 4.43 1.51 10.32
N HIS B 405 5.32 0.69 9.76
CA HIS B 405 5.53 0.63 8.33
C HIS B 405 4.79 -0.58 7.77
N GLY B 406 3.90 -0.30 6.80
CA GLY B 406 3.03 -1.33 6.25
C GLY B 406 3.55 -1.96 4.97
N THR B 407 2.88 -3.03 4.56
CA THR B 407 3.20 -3.71 3.32
C THR B 407 2.69 -2.98 2.08
N GLY B 408 2.05 -1.83 2.24
CA GLY B 408 1.77 -0.98 1.12
C GLY B 408 2.81 0.08 0.87
N GLY B 409 3.86 0.13 1.69
CA GLY B 409 4.93 1.07 1.47
C GLY B 409 4.78 2.40 2.18
N ILE B 410 3.74 2.59 2.99
CA ILE B 410 3.60 3.83 3.76
C ILE B 410 3.49 3.48 5.23
N THR B 411 3.69 4.51 6.05
CA THR B 411 3.50 4.41 7.49
C THR B 411 2.02 4.52 7.84
N LEU B 412 1.66 4.04 9.03
CA LEU B 412 0.28 4.17 9.48
C LEU B 412 -0.12 5.63 9.62
N LYS B 413 0.82 6.48 10.06
CA LYS B 413 0.56 7.91 10.15
C LYS B 413 0.24 8.48 8.77
N GLU B 414 0.92 7.98 7.73
CA GLU B 414 0.69 8.48 6.38
C GLU B 414 -0.64 7.99 5.82
N LYS B 415 -0.99 6.73 6.14
CA LYS B 415 -2.27 6.16 5.72
C LYS B 415 -3.46 6.94 6.24
N TRP B 416 -3.35 7.50 7.45
CA TRP B 416 -4.48 8.12 8.13
C TRP B 416 -4.45 9.63 8.08
N THR B 417 -3.55 10.22 7.29
CA THR B 417 -3.44 11.67 7.23
C THR B 417 -4.75 12.33 6.86
N GLU B 418 -5.46 11.77 5.88
CA GLU B 418 -6.73 12.31 5.43
C GLU B 418 -7.92 11.80 6.24
N GLY B 419 -7.70 10.89 7.17
CA GLY B 419 -8.77 10.35 7.99
C GLY B 419 -8.54 8.87 8.22
N ALA B 420 -9.14 8.36 9.30
CA ALA B 420 -8.97 6.95 9.65
C ALA B 420 -9.63 6.03 8.63
N ARG B 421 -8.92 4.95 8.29
CA ARG B 421 -9.40 3.94 7.36
C ARG B 421 -9.19 2.58 8.01
N THR B 422 -10.30 1.94 8.41
CA THR B 422 -10.24 0.61 9.02
C THR B 422 -11.39 -0.24 8.52
N TYR B 423 -11.23 -1.54 8.68
CA TYR B 423 -12.33 -2.50 8.51
C TYR B 423 -12.71 -3.04 9.89
N LEU B 424 -13.98 -2.90 10.26
CA LEU B 424 -14.51 -3.32 11.54
C LEU B 424 -13.90 -2.59 12.73
N GLY B 425 -13.21 -1.46 12.50
CA GLY B 425 -12.49 -0.87 13.59
C GLY B 425 -11.35 -1.69 14.15
N PHE B 426 -11.00 -2.82 13.52
CA PHE B 426 -9.95 -3.68 14.04
C PHE B 426 -8.67 -3.64 13.22
N ALA B 427 -8.76 -3.49 11.90
CA ALA B 427 -7.60 -3.70 11.05
C ALA B 427 -7.62 -2.67 9.95
N THR B 428 -6.46 -2.46 9.34
CA THR B 428 -6.27 -1.48 8.29
C THR B 428 -5.59 -2.16 7.13
N SER B 429 -6.11 -1.94 5.94
CA SER B 429 -5.48 -2.45 4.73
C SER B 429 -4.02 -1.99 4.68
N GLY B 430 -3.15 -2.89 4.22
CA GLY B 430 -1.72 -2.65 4.17
C GLY B 430 -0.99 -2.94 5.44
N PHE B 431 -1.66 -3.46 6.46
CA PHE B 431 -1.06 -3.66 7.78
C PHE B 431 -1.45 -5.05 8.24
N PRO B 432 -0.84 -6.09 7.67
CA PRO B 432 -1.27 -7.45 7.99
C PRO B 432 -0.92 -7.82 9.43
N ASN B 433 -1.67 -8.77 9.98
CA ASN B 433 -1.37 -9.34 11.29
C ASN B 433 -1.28 -8.27 12.37
N MET B 434 -2.10 -7.23 12.25
CA MET B 434 -2.14 -6.14 13.22
C MET B 434 -3.60 -5.82 13.55
N LEU B 435 -3.91 -5.79 14.83
CA LEU B 435 -5.26 -5.55 15.32
C LEU B 435 -5.18 -4.48 16.39
N PHE B 436 -6.17 -3.60 16.43
CA PHE B 436 -6.23 -2.58 17.48
C PHE B 436 -7.57 -2.67 18.19
N LEU B 437 -7.50 -2.63 19.52
CA LEU B 437 -8.67 -2.52 20.37
C LEU B 437 -8.93 -1.05 20.67
N TYR B 438 -10.21 -0.71 20.83
CA TYR B 438 -10.62 0.68 21.08
C TYR B 438 -10.03 1.63 20.05
N GLY B 439 -10.00 1.18 18.80
CA GLY B 439 -9.47 1.96 17.71
C GLY B 439 -10.54 2.70 16.95
N PRO B 440 -10.12 3.51 15.98
CA PRO B 440 -11.07 4.34 15.25
C PRO B 440 -12.08 3.49 14.50
N GLN B 441 -13.28 4.04 14.36
CA GLN B 441 -14.42 3.39 13.73
C GLN B 441 -14.91 2.18 14.51
N SER B 442 -14.69 2.19 15.83
CA SER B 442 -15.20 1.20 16.75
C SER B 442 -15.90 1.97 17.86
N PRO B 443 -16.73 1.31 18.68
CA PRO B 443 -17.55 2.07 19.63
C PRO B 443 -16.76 3.02 20.54
N SER B 444 -15.59 2.58 21.00
CA SER B 444 -14.59 3.35 21.74
C SER B 444 -15.20 4.41 22.67
N GLY B 445 -15.21 5.67 22.22
CA GLY B 445 -15.70 6.76 23.04
C GLY B 445 -17.14 6.62 23.47
N PHE B 446 -17.96 5.93 22.67
CA PHE B 446 -19.34 5.69 23.03
C PHE B 446 -19.53 4.43 23.86
N CYS B 447 -18.46 3.88 24.46
CA CYS B 447 -18.50 2.57 25.10
C CYS B 447 -17.90 2.58 26.51
N ASN B 448 -18.48 1.75 27.38
CA ASN B 448 -17.83 1.41 28.64
C ASN B 448 -16.57 0.59 28.36
N GLY B 449 -15.44 1.06 28.84
CA GLY B 449 -14.16 0.46 28.54
C GLY B 449 -14.07 -1.03 28.83
N PRO B 450 -14.29 -1.41 30.09
CA PRO B 450 -14.39 -2.84 30.42
C PRO B 450 -15.36 -3.62 29.55
N THR B 451 -16.54 -3.06 29.26
CA THR B 451 -17.50 -3.79 28.44
C THR B 451 -16.97 -4.04 27.03
N CYS B 452 -16.24 -3.07 26.46
CA CYS B 452 -15.69 -3.24 25.10
C CYS B 452 -14.37 -4.01 25.09
N ALA B 453 -13.53 -3.84 26.11
CA ALA B 453 -12.32 -4.64 26.20
C ALA B 453 -12.65 -6.13 26.14
N GLU B 454 -13.76 -6.53 26.76
CA GLU B 454 -14.14 -7.93 26.85
C GLU B 454 -14.76 -8.44 25.54
N MET B 455 -15.71 -7.68 24.98
CA MET B 455 -16.39 -8.13 23.77
C MET B 455 -15.51 -8.01 22.53
N GLN B 456 -14.74 -6.93 22.40
CA GLN B 456 -13.74 -6.87 21.35
C GLN B 456 -12.63 -7.88 21.59
N GLY B 457 -12.25 -8.08 22.87
CA GLY B 457 -11.16 -9.00 23.16
C GLY B 457 -11.47 -10.42 22.73
N GLU B 458 -12.71 -10.87 22.95
CA GLU B 458 -13.10 -12.22 22.58
C GLU B 458 -13.08 -12.39 21.07
N TRP B 459 -13.49 -11.37 20.32
CA TRP B 459 -13.43 -11.42 18.87
C TRP B 459 -11.99 -11.56 18.36
N VAL B 460 -11.02 -10.97 19.08
CA VAL B 460 -9.61 -11.05 18.70
C VAL B 460 -9.01 -12.41 19.06
N VAL B 461 -9.35 -12.93 20.24
CA VAL B 461 -8.95 -14.27 20.58
C VAL B 461 -9.47 -15.26 19.55
N ASP B 462 -10.76 -15.13 19.19
CA ASP B 462 -11.35 -16.05 18.22
C ASP B 462 -10.63 -15.96 16.87
N CYS B 463 -10.15 -14.77 16.54
CA CYS B 463 -9.47 -14.60 15.28
C CYS B 463 -8.15 -15.34 15.31
N LEU B 464 -7.39 -15.14 16.38
CA LEU B 464 -6.09 -15.80 16.51
C LEU B 464 -6.25 -17.31 16.63
N LYS B 465 -7.28 -17.76 17.35
CA LYS B 465 -7.53 -19.20 17.44
C LYS B 465 -7.94 -19.78 16.09
N HIS B 466 -8.80 -19.07 15.34
CA HIS B 466 -9.25 -19.57 14.05
C HIS B 466 -8.06 -19.70 13.09
N MET B 467 -7.12 -18.77 13.15
CA MET B 467 -5.96 -18.86 12.28
C MET B 467 -5.00 -19.97 12.71
N ARG B 468 -4.91 -20.26 14.01
CA ARG B 468 -4.08 -21.37 14.44
C ARG B 468 -4.71 -22.69 14.04
N GLU B 469 -6.03 -22.84 14.24
CA GLU B 469 -6.72 -24.07 13.88
C GLU B 469 -6.59 -24.38 12.38
N ASN B 470 -6.68 -23.36 11.53
CA ASN B 470 -6.67 -23.55 10.08
C ASN B 470 -5.33 -23.19 9.44
N ASN B 471 -4.25 -23.16 10.24
CA ASN B 471 -2.88 -22.97 9.76
C ASN B 471 -2.78 -21.77 8.80
N LYS B 472 -3.27 -20.61 9.26
CA LYS B 472 -3.16 -19.35 8.54
C LYS B 472 -2.19 -18.44 9.28
N GLY B 473 -1.21 -17.89 8.55
CA GLY B 473 -0.19 -17.05 9.15
C GLY B 473 -0.24 -15.59 8.73
N ARG B 474 -1.25 -15.22 7.94
CA ARG B 474 -1.46 -13.84 7.49
C ARG B 474 -2.94 -13.50 7.51
N ILE B 475 -3.27 -12.31 8.03
CA ILE B 475 -4.57 -11.69 7.84
C ILE B 475 -4.35 -10.28 7.37
N GLU B 476 -5.05 -9.88 6.30
CA GLU B 476 -5.00 -8.49 5.84
C GLU B 476 -6.38 -8.06 5.37
N ALA B 477 -6.91 -7.01 5.99
CA ALA B 477 -8.11 -6.35 5.49
C ALA B 477 -7.89 -5.86 4.07
N THR B 478 -8.86 -6.12 3.21
CA THR B 478 -8.86 -5.67 1.82
C THR B 478 -9.29 -4.20 1.72
N ALA B 479 -8.89 -3.57 0.60
CA ALA B 479 -9.21 -2.15 0.38
C ALA B 479 -10.71 -1.93 0.24
N GLN B 480 -11.43 -2.95 -0.26
CA GLN B 480 -12.87 -2.84 -0.44
C GLN B 480 -13.62 -2.96 0.87
N ALA B 481 -13.14 -3.78 1.81
CA ALA B 481 -13.76 -3.84 3.13
C ALA B 481 -13.65 -2.51 3.86
N GLU B 482 -12.48 -1.84 3.80
CA GLU B 482 -12.35 -0.51 4.39
C GLU B 482 -13.39 0.44 3.80
N GLU B 483 -13.45 0.49 2.47
CA GLU B 483 -14.42 1.34 1.78
C GLU B 483 -15.83 1.09 2.28
N GLU B 484 -16.26 -0.17 2.28
CA GLU B 484 -17.64 -0.43 2.65
C GLU B 484 -17.90 -0.31 4.14
N TRP B 485 -16.90 -0.62 4.98
CA TRP B 485 -17.04 -0.36 6.41
C TRP B 485 -17.27 1.13 6.66
N ALA B 486 -16.46 1.98 6.04
CA ALA B 486 -16.64 3.43 6.12
C ALA B 486 -18.05 3.86 5.67
N GLN B 487 -18.55 3.29 4.58
CA GLN B 487 -19.90 3.64 4.16
C GLN B 487 -20.95 3.18 5.18
N LEU B 488 -20.72 2.04 5.84
CA LEU B 488 -21.65 1.56 6.85
C LEU B 488 -21.68 2.47 8.07
N LEU B 489 -20.55 3.07 8.43
CA LEU B 489 -20.50 3.99 9.55
C LEU B 489 -21.21 5.29 9.22
N ASN B 490 -20.90 5.90 8.07
CA ASN B 490 -21.63 7.11 7.68
C ASN B 490 -23.11 6.82 7.56
N SER B 491 -23.47 5.67 6.99
CA SER B 491 -24.87 5.28 6.87
C SER B 491 -25.56 5.33 8.22
N ILE B 492 -25.08 4.52 9.18
CA ILE B 492 -25.68 4.46 10.50
C ILE B 492 -25.68 5.85 11.14
N ALA B 493 -24.52 6.51 11.14
CA ALA B 493 -24.36 7.75 11.88
C ALA B 493 -25.12 8.91 11.23
N GLY B 494 -25.39 8.85 9.93
CA GLY B 494 -26.22 9.84 9.27
C GLY B 494 -27.68 9.80 9.65
N MET B 495 -28.11 8.75 10.36
CA MET B 495 -29.44 8.66 10.96
C MET B 495 -29.48 9.18 12.39
N THR B 496 -28.35 9.63 12.91
CA THR B 496 -28.26 10.14 14.26
C THR B 496 -27.85 11.61 14.21
N LEU B 497 -27.89 12.25 15.37
CA LEU B 497 -27.42 13.62 15.50
C LEU B 497 -25.93 13.69 15.80
N PHE B 498 -25.26 12.53 15.83
CA PHE B 498 -23.85 12.51 16.17
C PHE B 498 -22.99 13.34 15.23
N PRO B 499 -23.23 13.36 13.91
CA PRO B 499 -22.45 14.28 13.06
C PRO B 499 -22.47 15.71 13.53
N ARG B 500 -23.54 16.16 14.16
CA ARG B 500 -23.67 17.53 14.62
C ARG B 500 -22.85 17.77 15.89
N ALA B 501 -21.75 17.06 16.06
CA ALA B 501 -20.87 17.23 17.21
C ALA B 501 -19.73 18.19 16.89
N ARG B 515 -13.59 16.00 12.19
CA ARG B 515 -13.67 15.98 10.73
C ARG B 515 -14.35 14.71 10.22
N GLN B 516 -14.26 13.64 11.02
CA GLN B 516 -14.89 12.36 10.72
C GLN B 516 -15.37 11.73 12.02
N LEU B 517 -16.52 11.06 11.96
CA LEU B 517 -17.16 10.51 13.17
C LEU B 517 -16.46 9.20 13.53
N LEU B 518 -15.43 9.27 14.38
CA LEU B 518 -14.63 8.09 14.67
C LEU B 518 -15.40 7.08 15.49
N ASN B 519 -16.22 7.53 16.43
CA ASN B 519 -16.90 6.61 17.35
C ASN B 519 -18.01 5.88 16.62
N PHE B 520 -18.07 4.56 16.77
CA PHE B 520 -19.14 3.80 16.14
C PHE B 520 -20.35 3.79 17.06
N PRO B 521 -21.49 4.39 16.65
CA PRO B 521 -22.67 4.43 17.51
C PRO B 521 -23.37 3.06 17.53
N GLY B 522 -23.32 2.41 18.69
CA GLY B 522 -24.11 1.21 18.93
C GLY B 522 -23.26 -0.03 19.07
N VAL B 523 -22.93 -0.39 20.31
CA VAL B 523 -22.17 -1.61 20.52
C VAL B 523 -22.85 -2.84 19.95
N PRO B 524 -24.12 -3.12 20.24
CA PRO B 524 -24.70 -4.37 19.72
C PRO B 524 -24.72 -4.42 18.21
N ILE B 525 -25.01 -3.29 17.57
CA ILE B 525 -24.91 -3.22 16.11
C ILE B 525 -23.48 -3.43 15.66
N TYR B 526 -22.51 -2.90 16.42
CA TYR B 526 -21.10 -3.04 16.06
C TYR B 526 -20.66 -4.50 16.16
N MET B 527 -20.94 -5.15 17.30
CA MET B 527 -20.55 -6.55 17.48
C MET B 527 -21.27 -7.46 16.50
N ASP B 528 -22.53 -7.17 16.16
CA ASP B 528 -23.18 -8.02 15.17
C ASP B 528 -22.43 -7.99 13.86
N GLN B 529 -22.05 -6.80 13.39
CA GLN B 529 -21.30 -6.73 12.14
C GLN B 529 -19.98 -7.49 12.25
N CYS B 530 -19.29 -7.42 13.39
CA CYS B 530 -18.01 -8.11 13.53
C CYS B 530 -18.18 -9.62 13.64
N ASN B 531 -19.20 -10.09 14.38
CA ASN B 531 -19.35 -11.52 14.57
C ASN B 531 -19.84 -12.22 13.31
N THR B 532 -20.67 -11.54 12.50
CA THR B 532 -21.10 -12.12 11.24
C THR B 532 -19.94 -12.27 10.25
N ALA B 533 -18.99 -11.35 10.27
CA ALA B 533 -17.84 -11.46 9.36
C ALA B 533 -16.93 -12.61 9.77
N ALA B 534 -16.65 -12.72 11.06
CA ALA B 534 -15.84 -13.82 11.56
C ALA B 534 -16.50 -15.16 11.23
N ALA B 535 -17.82 -15.25 11.34
CA ALA B 535 -18.48 -16.52 11.06
C ALA B 535 -18.30 -16.95 9.61
N LYS B 536 -18.19 -16.00 8.68
CA LYS B 536 -18.00 -16.30 7.27
C LYS B 536 -16.54 -16.48 6.93
N ASP B 537 -15.79 -17.14 7.80
CA ASP B 537 -14.34 -17.28 7.64
C ASP B 537 -13.69 -15.91 7.42
N TYR B 538 -14.17 -14.90 8.15
CA TYR B 538 -13.53 -13.60 8.22
C TYR B 538 -13.54 -12.90 6.86
N GLU B 539 -14.75 -12.74 6.32
CA GLU B 539 -14.88 -12.05 5.05
C GLU B 539 -14.52 -10.58 5.22
N GLY B 540 -13.89 -10.01 4.19
CA GLY B 540 -13.18 -8.75 4.30
C GLY B 540 -11.70 -8.90 4.56
N PHE B 541 -11.25 -10.08 5.01
CA PHE B 541 -9.83 -10.32 5.19
C PHE B 541 -9.31 -11.36 4.21
N VAL B 542 -7.99 -11.32 4.01
CA VAL B 542 -7.26 -12.31 3.23
C VAL B 542 -6.46 -13.15 4.21
N LEU B 543 -6.84 -14.41 4.38
CA LEU B 543 -6.09 -15.31 5.25
C LEU B 543 -5.20 -16.19 4.38
N ASP B 544 -3.89 -16.07 4.59
CA ASP B 544 -2.90 -16.94 3.99
C ASP B 544 -2.20 -17.67 5.14
#